data_6EUV
#
_entry.id   6EUV
#
_cell.length_a   54.490
_cell.length_b   80.320
_cell.length_c   92.320
_cell.angle_alpha   89.54
_cell.angle_beta   107.12
_cell.angle_gamma   99.11
#
_symmetry.space_group_name_H-M   'P 1'
#
loop_
_entity.id
_entity.type
_entity.pdbx_description
1 polymer 'Polymerase basic protein 2'
2 non-polymer '(2S,3S)-3-[[5-fluoranyl-2-(5-fluoranyl-1H-pyrrolo[2,3-b]pyridin-3-yl)pyrimidin-4-yl]amino]bicyclo[2.2.2]octane-2-carboxylic acid'
3 non-polymer 'NICKEL (II) ION'
4 water water
#
_entity_poly.entity_id   1
_entity_poly.type   'polypeptide(L)'
_entity_poly.pdbx_seq_one_letter_code
;GGEVRNDDIDQSLIIAARNIVRRASVSADPLASLLEMCHSTQIGGTRMVDILRQNPTEEQAVDICKAAMGLRISSSFSFG
GFTFKRTSGSSIKREEEVLTGNLQTLKIRVHEGYEEFTMVGKRATAILRKATRRLVQLIVSGRDEQSIAEAIIVAMVFSQ
EDCMIKAVRGDLNFVNRANQRLNPMHQLLRHFQKDAKVLFQNWGIEHIDNVMGMVGVLPDMTPSTEMSMRGIRVSKMGVD
EYSSTERVVVSIDRFLRVRDQRGNVLLSPEEVSETHGTERLTITYSSSMM
;
_entity_poly.pdbx_strand_id   A,C,F,I
#
# COMPACT_ATOMS: atom_id res chain seq x y z
N ASN A 6 -7.21 46.71 16.82
CA ASN A 6 -7.37 45.41 16.10
C ASN A 6 -6.20 45.21 15.16
N ASP A 7 -5.94 46.19 14.31
CA ASP A 7 -4.81 46.16 13.37
C ASP A 7 -3.44 46.20 14.07
N ASP A 8 -3.32 47.01 15.12
CA ASP A 8 -2.04 47.16 15.84
C ASP A 8 -1.73 45.99 16.77
N ILE A 9 -2.75 45.37 17.36
CA ILE A 9 -2.59 44.21 18.25
C ILE A 9 -2.06 43.01 17.43
N ASP A 10 -2.61 42.81 16.24
CA ASP A 10 -2.21 41.75 15.34
C ASP A 10 -0.73 41.89 14.94
N GLN A 11 -0.36 43.06 14.45
CA GLN A 11 1.03 43.36 14.11
C GLN A 11 1.99 43.08 15.29
N SER A 12 1.55 43.46 16.48
CA SER A 12 2.38 43.35 17.67
C SER A 12 2.45 41.93 18.21
N LEU A 13 1.33 41.21 18.14
CA LEU A 13 1.23 39.79 18.58
C LEU A 13 2.19 38.87 17.79
N ILE A 14 2.24 39.12 16.47
CA ILE A 14 3.11 38.38 15.57
C ILE A 14 4.57 38.60 15.96
N ILE A 15 4.94 39.85 16.16
CA ILE A 15 6.30 40.21 16.59
C ILE A 15 6.68 39.54 17.91
N ALA A 16 5.75 39.52 18.87
CA ALA A 16 6.01 38.90 20.16
C ALA A 16 6.13 37.37 20.04
N ALA A 17 5.22 36.76 19.27
CA ALA A 17 5.23 35.29 19.07
C ALA A 17 6.49 34.80 18.36
N ARG A 18 6.91 35.54 17.33
CA ARG A 18 8.13 35.21 16.61
C ARG A 18 9.36 35.29 17.49
N ASN A 19 9.43 36.34 18.31
CA ASN A 19 10.53 36.45 19.25
C ASN A 19 10.56 35.29 20.25
N ILE A 20 9.38 34.88 20.74
CA ILE A 20 9.27 33.81 21.73
C ILE A 20 9.70 32.45 21.16
N VAL A 21 9.27 32.15 19.94
CA VAL A 21 9.60 30.90 19.29
C VAL A 21 11.10 30.86 18.98
N ARG A 22 11.65 31.98 18.53
CA ARG A 22 13.09 32.05 18.31
C ARG A 22 13.90 31.82 19.59
N ARG A 23 13.47 32.41 20.70
CA ARG A 23 14.17 32.23 21.98
C ARG A 23 14.00 30.83 22.56
N ALA A 24 12.79 30.30 22.44
CA ALA A 24 12.47 28.96 22.96
C ALA A 24 13.22 27.86 22.21
N SER A 25 13.31 28.03 20.89
CA SER A 25 13.90 27.02 20.01
C SER A 25 15.35 26.67 20.38
N VAL A 26 16.07 27.59 21.03
CA VAL A 26 17.48 27.37 21.38
C VAL A 26 17.62 26.66 22.73
N SER A 27 16.50 26.55 23.47
CA SER A 27 16.50 25.90 24.76
C SER A 27 16.42 24.39 24.59
N ALA A 28 16.86 23.68 25.64
CA ALA A 28 16.87 22.23 25.68
C ALA A 28 15.47 21.62 25.59
N ASP A 29 14.54 22.18 26.35
CA ASP A 29 13.08 21.92 26.23
C ASP A 29 12.35 23.24 25.76
N PRO A 30 12.27 23.49 24.45
CA PRO A 30 11.61 24.68 23.92
C PRO A 30 10.13 24.85 24.29
N LEU A 31 9.35 23.76 24.31
CA LEU A 31 7.93 23.84 24.64
C LEU A 31 7.74 24.52 26.00
N ALA A 32 8.53 24.08 26.99
CA ALA A 32 8.45 24.62 28.33
C ALA A 32 8.89 26.10 28.37
N SER A 33 9.94 26.45 27.62
CA SER A 33 10.38 27.82 27.53
C SER A 33 9.28 28.70 26.95
N LEU A 34 8.66 28.24 25.86
CA LEU A 34 7.64 29.01 25.17
C LEU A 34 6.44 29.20 26.07
N LEU A 35 6.06 28.15 26.77
CA LEU A 35 4.95 28.24 27.69
C LEU A 35 5.23 29.23 28.83
N GLU A 36 6.48 29.35 29.26
CA GLU A 36 6.85 30.33 30.29
C GLU A 36 6.67 31.77 29.78
N MET A 37 7.23 32.04 28.60
CA MET A 37 7.23 33.37 28.04
C MET A 37 5.83 33.84 27.67
N CYS A 38 4.98 32.93 27.19
CA CYS A 38 3.61 33.28 26.83
C CYS A 38 2.80 33.71 28.07
N HIS A 39 2.99 33.00 29.17
N HIS A 39 2.99 33.00 29.17
CA HIS A 39 2.29 33.27 30.43
CA HIS A 39 2.29 33.27 30.43
C HIS A 39 2.83 34.47 31.21
C HIS A 39 2.83 34.47 31.21
N SER A 40 4.06 34.89 30.91
CA SER A 40 4.65 36.09 31.53
C SER A 40 5.03 37.18 30.51
N THR A 41 4.20 37.36 29.47
CA THR A 41 4.38 38.44 28.48
C THR A 41 3.09 39.23 28.34
N GLN A 42 3.22 40.55 28.31
CA GLN A 42 2.09 41.43 28.05
C GLN A 42 2.34 42.20 26.75
N ILE A 43 1.26 42.50 26.04
CA ILE A 43 1.29 43.29 24.80
C ILE A 43 0.30 44.43 24.98
N GLY A 44 0.80 45.68 24.92
CA GLY A 44 0.01 46.87 25.25
C GLY A 44 -0.69 46.82 26.61
N GLY A 45 -0.10 46.16 27.60
CA GLY A 45 -0.72 46.03 28.93
C GLY A 45 -1.61 44.83 29.16
N THR A 46 -2.19 44.26 28.09
CA THR A 46 -2.92 42.98 28.18
C THR A 46 -2.03 41.74 28.12
N ARG A 47 -2.42 40.68 28.84
CA ARG A 47 -1.67 39.43 28.86
C ARG A 47 -1.75 38.72 27.52
N MET A 48 -0.63 38.13 27.10
CA MET A 48 -0.53 37.49 25.79
C MET A 48 -1.42 36.26 25.66
N VAL A 49 -1.62 35.50 26.74
CA VAL A 49 -2.51 34.33 26.66
C VAL A 49 -3.96 34.77 26.45
N ASP A 50 -4.33 35.91 27.02
CA ASP A 50 -5.67 36.45 26.79
C ASP A 50 -5.85 36.94 25.37
N ILE A 51 -4.80 37.47 24.75
CA ILE A 51 -4.85 37.84 23.34
C ILE A 51 -4.94 36.61 22.45
N LEU A 52 -4.22 35.53 22.81
CA LEU A 52 -4.22 34.30 22.01
C LEU A 52 -5.57 33.62 22.01
N ARG A 53 -6.21 33.59 23.18
CA ARG A 53 -7.58 33.06 23.30
C ARG A 53 -8.63 33.78 22.47
N GLN A 54 -8.49 35.10 22.26
CA GLN A 54 -9.51 35.90 21.51
C GLN A 54 -9.14 36.27 20.06
N ASN A 55 -7.86 36.48 19.77
CA ASN A 55 -7.41 37.02 18.47
C ASN A 55 -7.41 35.94 17.37
N PRO A 56 -8.03 36.23 16.21
CA PRO A 56 -8.15 35.22 15.14
C PRO A 56 -6.98 35.13 14.14
N THR A 57 -5.90 35.88 14.32
CA THR A 57 -4.74 35.84 13.41
C THR A 57 -4.17 34.44 13.21
N GLU A 58 -4.04 34.00 11.95
CA GLU A 58 -3.33 32.76 11.64
C GLU A 58 -1.96 33.13 11.07
N GLU A 59 -0.93 32.98 11.89
CA GLU A 59 0.45 33.19 11.50
C GLU A 59 1.27 32.05 12.12
N GLN A 60 2.44 31.74 11.55
CA GLN A 60 3.18 30.54 11.94
C GLN A 60 3.65 30.53 13.41
N ALA A 61 4.25 31.63 13.85
CA ALA A 61 4.69 31.76 15.25
C ALA A 61 3.51 31.83 16.17
N VAL A 62 2.52 32.61 15.79
CA VAL A 62 1.33 32.76 16.61
C VAL A 62 0.61 31.44 16.79
N ASP A 63 0.41 30.72 15.69
CA ASP A 63 -0.30 29.41 15.75
C ASP A 63 0.46 28.30 16.54
N ILE A 64 1.81 28.34 16.54
CA ILE A 64 2.60 27.51 17.42
C ILE A 64 2.27 27.77 18.90
N CYS A 65 2.17 29.04 19.27
CA CYS A 65 1.81 29.40 20.64
C CYS A 65 0.38 28.97 20.99
N LYS A 66 -0.55 29.12 20.06
CA LYS A 66 -1.94 28.71 20.30
C LYS A 66 -2.03 27.20 20.56
N ALA A 67 -1.38 26.43 19.70
CA ALA A 67 -1.25 24.99 19.85
C ALA A 67 -0.67 24.57 21.20
N ALA A 68 0.37 25.29 21.63
CA ALA A 68 1.02 25.09 22.93
C ALA A 68 0.07 25.09 24.11
N MET A 69 -1.00 25.88 24.02
CA MET A 69 -2.02 25.94 25.06
C MET A 69 -3.36 25.34 24.64
N GLY A 70 -3.31 24.43 23.67
CA GLY A 70 -4.47 23.64 23.26
C GLY A 70 -5.53 24.34 22.47
N LEU A 71 -5.23 25.50 21.91
CA LEU A 71 -6.21 26.25 21.15
C LEU A 71 -6.31 25.65 19.76
N ARG A 72 -7.50 25.71 19.16
CA ARG A 72 -7.65 25.26 17.77
C ARG A 72 -6.98 26.24 16.81
N ILE A 73 -6.40 25.71 15.73
CA ILE A 73 -5.75 26.50 14.69
C ILE A 73 -6.15 26.04 13.29
N SER A 74 -5.85 26.88 12.31
CA SER A 74 -6.00 26.54 10.89
C SER A 74 -5.38 25.18 10.60
N SER A 75 -6.07 24.38 9.77
CA SER A 75 -5.59 23.04 9.38
C SER A 75 -4.53 23.06 8.27
N SER A 76 -4.32 24.21 7.64
CA SER A 76 -3.20 24.37 6.73
C SER A 76 -1.82 24.08 7.35
N PHE A 77 -0.83 23.93 6.48
CA PHE A 77 0.56 23.72 6.90
C PHE A 77 1.50 24.61 6.10
N SER A 78 2.70 24.78 6.62
CA SER A 78 3.64 25.74 6.06
C SER A 78 4.88 25.00 5.58
N PHE A 79 5.20 25.15 4.30
CA PHE A 79 6.44 24.64 3.75
C PHE A 79 7.05 25.69 2.84
N GLY A 80 8.32 26.01 3.08
CA GLY A 80 9.05 27.01 2.29
C GLY A 80 8.54 28.43 2.41
N GLY A 81 7.95 28.74 3.55
CA GLY A 81 7.23 29.98 3.73
C GLY A 81 5.79 29.99 3.24
N PHE A 82 5.38 29.06 2.39
CA PHE A 82 4.05 29.09 1.78
C PHE A 82 3.04 28.36 2.63
N THR A 83 1.83 28.90 2.70
CA THR A 83 0.70 28.19 3.29
C THR A 83 0.10 27.23 2.25
N PHE A 84 0.00 25.95 2.62
CA PHE A 84 -0.63 24.89 1.80
C PHE A 84 -2.03 24.54 2.36
N LYS A 85 -3.08 24.60 1.55
CA LYS A 85 -4.34 23.98 1.93
C LYS A 85 -4.67 22.93 0.91
N ARG A 86 -4.97 21.73 1.42
CA ARG A 86 -5.49 20.68 0.59
C ARG A 86 -6.93 21.00 0.19
N THR A 87 -7.14 21.11 -1.12
CA THR A 87 -8.43 21.36 -1.71
C THR A 87 -9.12 20.06 -2.13
N SER A 88 -8.37 18.96 -2.24
CA SER A 88 -8.92 17.66 -2.68
C SER A 88 -8.01 16.46 -2.37
N GLY A 89 -8.59 15.27 -2.43
CA GLY A 89 -7.82 14.02 -2.41
C GLY A 89 -7.27 13.69 -1.06
N SER A 90 -6.36 12.74 -1.02
CA SER A 90 -5.81 12.23 0.23
C SER A 90 -4.53 11.47 -0.06
N SER A 91 -3.85 11.01 0.98
CA SER A 91 -2.68 10.15 0.85
C SER A 91 -2.40 9.26 2.07
N ILE A 92 -1.53 8.28 1.93
CA ILE A 92 -1.00 7.58 3.09
C ILE A 92 0.52 7.74 3.09
N LYS A 93 1.16 7.31 4.19
CA LYS A 93 2.55 7.62 4.49
C LYS A 93 3.35 6.35 4.65
N ARG A 94 4.52 6.37 4.05
CA ARG A 94 5.36 5.23 4.00
C ARG A 94 6.74 5.80 4.05
N GLU A 95 7.53 5.33 5.00
CA GLU A 95 8.93 5.73 5.08
C GLU A 95 9.76 4.90 4.06
N GLU A 96 10.66 5.57 3.33
CA GLU A 96 11.52 4.93 2.30
C GLU A 96 12.91 5.52 2.35
N GLU A 97 13.93 4.75 1.99
CA GLU A 97 15.29 5.31 1.97
C GLU A 97 15.47 5.78 0.58
N VAL A 98 15.90 7.01 0.37
CA VAL A 98 16.31 7.45 -0.99
C VAL A 98 17.81 7.77 -0.99
N LEU A 99 18.35 7.90 -2.21
CA LEU A 99 19.77 8.15 -2.47
C LEU A 99 19.89 9.45 -3.31
N THR A 100 20.64 10.42 -2.80
CA THR A 100 20.85 11.69 -3.51
C THR A 100 21.80 11.50 -4.69
N GLY A 101 21.97 12.53 -5.50
CA GLY A 101 23.05 12.54 -6.49
C GLY A 101 24.45 12.43 -5.90
N ASN A 102 24.63 12.74 -4.60
CA ASN A 102 25.90 12.46 -3.93
C ASN A 102 25.86 11.26 -3.03
N LEU A 103 25.00 10.31 -3.38
CA LEU A 103 24.96 8.98 -2.79
C LEU A 103 24.73 9.00 -1.28
N GLN A 104 24.01 10.03 -0.81
CA GLN A 104 23.66 10.14 0.61
C GLN A 104 22.27 9.57 0.80
N THR A 105 22.14 8.65 1.74
CA THR A 105 20.83 8.14 2.09
C THR A 105 19.94 9.19 2.78
N LEU A 106 18.65 9.18 2.47
CA LEU A 106 17.71 10.02 3.21
C LEU A 106 16.49 9.16 3.45
N LYS A 107 16.00 9.17 4.69
CA LYS A 107 14.76 8.51 5.04
C LYS A 107 13.67 9.54 4.92
N ILE A 108 12.68 9.26 4.08
CA ILE A 108 11.62 10.22 3.75
C ILE A 108 10.26 9.58 3.99
N ARG A 109 9.34 10.35 4.56
CA ARG A 109 7.95 9.89 4.65
C ARG A 109 7.28 10.26 3.34
N VAL A 110 7.24 9.29 2.42
CA VAL A 110 6.65 9.44 1.10
C VAL A 110 5.11 9.36 1.17
N HIS A 111 4.45 10.32 0.52
CA HIS A 111 2.99 10.35 0.47
C HIS A 111 2.51 9.64 -0.79
N GLU A 112 1.56 8.73 -0.59
CA GLU A 112 1.01 7.93 -1.65
C GLU A 112 -0.46 8.28 -1.78
N GLY A 113 -0.79 8.89 -2.91
CA GLY A 113 -2.15 9.26 -3.24
C GLY A 113 -2.19 10.35 -4.27
N TYR A 114 -3.41 10.81 -4.58
CA TYR A 114 -3.60 11.93 -5.48
C TYR A 114 -4.22 13.03 -4.63
N GLU A 115 -3.55 14.19 -4.59
CA GLU A 115 -3.95 15.35 -3.79
C GLU A 115 -3.82 16.67 -4.62
N GLU A 116 -4.68 17.64 -4.32
CA GLU A 116 -4.65 18.96 -4.97
C GLU A 116 -4.61 20.02 -3.86
N PHE A 117 -3.65 20.95 -3.97
CA PHE A 117 -3.46 22.02 -3.00
C PHE A 117 -3.42 23.40 -3.67
N THR A 118 -3.68 24.42 -2.88
CA THR A 118 -3.31 25.80 -3.18
C THR A 118 -2.14 26.20 -2.28
N MET A 119 -1.12 26.81 -2.89
CA MET A 119 0.00 27.42 -2.17
C MET A 119 -0.22 28.93 -2.14
N VAL A 120 -0.01 29.55 -0.99
CA VAL A 120 -0.14 30.99 -0.84
C VAL A 120 1.05 31.54 -0.09
N GLY A 121 1.93 32.24 -0.79
CA GLY A 121 3.01 33.02 -0.19
C GLY A 121 2.64 34.49 -0.27
N LYS A 122 3.52 35.37 0.22
CA LYS A 122 3.25 36.81 0.17
C LYS A 122 3.50 37.41 -1.22
N ARG A 123 4.38 36.80 -2.00
CA ARG A 123 4.74 37.31 -3.31
C ARG A 123 4.42 36.37 -4.47
N ALA A 124 3.78 35.23 -4.19
CA ALA A 124 3.45 34.23 -5.20
C ALA A 124 2.36 33.29 -4.67
N THR A 125 1.43 32.87 -5.54
CA THR A 125 0.48 31.82 -5.20
C THR A 125 0.40 30.76 -6.31
N ALA A 126 -0.19 29.61 -6.01
CA ALA A 126 -0.14 28.46 -6.92
C ALA A 126 -1.21 27.43 -6.64
N ILE A 127 -1.56 26.69 -7.68
CA ILE A 127 -2.37 25.47 -7.56
C ILE A 127 -1.41 24.33 -7.88
N LEU A 128 -1.30 23.39 -6.93
CA LEU A 128 -0.48 22.19 -7.08
C LEU A 128 -1.34 20.94 -7.13
N ARG A 129 -1.14 20.12 -8.15
CA ARG A 129 -1.71 18.76 -8.24
C ARG A 129 -0.57 17.79 -8.27
N LYS A 130 -0.69 16.69 -7.52
CA LYS A 130 0.40 15.75 -7.40
C LYS A 130 -0.05 14.37 -7.04
N ALA A 131 0.75 13.41 -7.46
CA ALA A 131 0.57 12.01 -7.14
C ALA A 131 1.81 11.50 -6.40
N THR A 132 1.80 10.23 -5.99
CA THR A 132 2.96 9.59 -5.37
C THR A 132 4.27 9.91 -6.11
N ARG A 133 5.17 10.61 -5.45
CA ARG A 133 6.46 11.02 -6.03
C ARG A 133 6.33 11.61 -7.45
N ARG A 134 5.27 12.37 -7.68
CA ARG A 134 5.04 12.97 -9.01
C ARG A 134 4.34 14.30 -8.97
N LEU A 135 4.93 15.30 -9.61
CA LEU A 135 4.23 16.53 -9.92
C LEU A 135 3.36 16.28 -11.14
N VAL A 136 2.05 16.50 -10.98
CA VAL A 136 1.12 16.33 -12.10
C VAL A 136 0.99 17.69 -12.80
N GLN A 137 0.57 18.71 -12.04
CA GLN A 137 0.58 20.08 -12.55
C GLN A 137 0.79 21.17 -11.47
N LEU A 138 1.49 22.23 -11.85
CA LEU A 138 1.65 23.45 -11.05
C LEU A 138 1.27 24.70 -11.88
N ILE A 139 0.17 25.36 -11.52
CA ILE A 139 -0.18 26.66 -12.07
C ILE A 139 0.30 27.69 -11.05
N VAL A 140 1.28 28.53 -11.43
CA VAL A 140 1.85 29.53 -10.48
C VAL A 140 1.75 31.00 -10.98
N SER A 141 1.35 31.90 -10.06
CA SER A 141 1.41 33.36 -10.24
C SER A 141 2.49 33.98 -9.34
N GLY A 142 2.92 35.20 -9.64
CA GLY A 142 3.87 35.90 -8.78
C GLY A 142 4.13 37.34 -9.14
N ARG A 143 4.94 38.02 -8.35
CA ARG A 143 5.34 39.39 -8.62
C ARG A 143 6.38 39.47 -9.73
N ASP A 144 7.32 38.53 -9.73
CA ASP A 144 8.49 38.60 -10.60
C ASP A 144 9.17 37.25 -10.76
N GLU A 145 10.25 37.24 -11.55
CA GLU A 145 11.10 36.06 -11.76
C GLU A 145 11.54 35.39 -10.44
N GLN A 146 12.03 36.22 -9.52
CA GLN A 146 12.45 35.79 -8.19
C GLN A 146 11.33 35.05 -7.46
N SER A 147 10.18 35.71 -7.31
CA SER A 147 9.06 35.19 -6.53
C SER A 147 8.41 33.93 -7.10
N ILE A 148 8.35 33.83 -8.43
CA ILE A 148 7.80 32.67 -9.13
C ILE A 148 8.71 31.45 -8.96
N ALA A 149 10.00 31.63 -9.17
CA ALA A 149 10.97 30.55 -9.01
C ALA A 149 10.98 29.96 -7.59
N GLU A 150 10.83 30.82 -6.58
CA GLU A 150 10.71 30.40 -5.19
C GLU A 150 9.56 29.41 -5.01
N ALA A 151 8.41 29.71 -5.60
CA ALA A 151 7.24 28.82 -5.53
C ALA A 151 7.44 27.49 -6.26
N ILE A 152 8.13 27.54 -7.41
CA ILE A 152 8.45 26.34 -8.20
C ILE A 152 9.39 25.39 -7.43
N ILE A 153 10.41 25.95 -6.77
CA ILE A 153 11.36 25.13 -6.00
C ILE A 153 10.65 24.43 -4.82
N VAL A 154 9.77 25.14 -4.13
CA VAL A 154 8.99 24.52 -3.07
C VAL A 154 8.08 23.39 -3.60
N ALA A 155 7.40 23.62 -4.73
CA ALA A 155 6.54 22.57 -5.32
C ALA A 155 7.33 21.33 -5.78
N MET A 156 8.51 21.56 -6.35
CA MET A 156 9.37 20.46 -6.81
C MET A 156 9.89 19.58 -5.66
N VAL A 157 10.26 20.20 -4.55
CA VAL A 157 10.75 19.46 -3.40
C VAL A 157 9.57 18.70 -2.77
N PHE A 158 8.46 19.41 -2.60
CA PHE A 158 7.23 18.84 -2.07
C PHE A 158 6.74 17.63 -2.87
N SER A 159 6.94 17.64 -4.19
CA SER A 159 6.50 16.54 -5.05
C SER A 159 7.21 15.20 -4.79
N GLN A 160 8.40 15.27 -4.20
CA GLN A 160 9.20 14.11 -3.84
C GLN A 160 9.73 13.32 -5.04
N GLU A 161 9.83 13.97 -6.21
CA GLU A 161 10.27 13.28 -7.42
C GLU A 161 11.70 12.86 -7.36
N ASP A 162 12.02 11.78 -8.08
CA ASP A 162 13.36 11.23 -8.06
C ASP A 162 14.34 12.18 -8.75
N CYS A 163 13.89 12.93 -9.75
CA CYS A 163 14.78 13.85 -10.45
C CYS A 163 15.21 14.98 -9.57
N MET A 164 14.33 15.38 -8.66
CA MET A 164 14.67 16.37 -7.62
C MET A 164 15.71 15.79 -6.66
N ILE A 165 15.51 14.55 -6.20
CA ILE A 165 16.46 13.87 -5.29
C ILE A 165 17.84 13.66 -5.96
N LYS A 166 17.80 13.25 -7.23
CA LYS A 166 19.00 13.02 -8.04
C LYS A 166 19.82 14.27 -8.36
N ALA A 167 19.15 15.42 -8.47
CA ALA A 167 19.81 16.72 -8.73
C ALA A 167 20.56 17.35 -7.53
N VAL A 168 20.55 16.66 -6.40
CA VAL A 168 21.31 17.08 -5.24
C VAL A 168 22.81 16.93 -5.50
N ARG A 169 23.59 17.96 -5.15
CA ARG A 169 25.07 17.96 -5.32
C ARG A 169 25.79 18.15 -4.01
N GLY A 170 26.60 17.16 -3.64
CA GLY A 170 27.30 17.16 -2.35
C GLY A 170 26.37 16.90 -1.19
N ASP A 171 26.92 17.00 0.00
CA ASP A 171 26.23 16.56 1.20
C ASP A 171 25.25 17.59 1.74
N LEU A 172 24.26 17.09 2.47
CA LEU A 172 23.25 17.90 3.16
C LEU A 172 23.44 17.73 4.68
N ASN A 173 24.04 18.75 5.33
CA ASN A 173 24.12 18.82 6.81
C ASN A 173 23.72 20.20 7.30
N PHE A 174 22.59 20.73 6.80
CA PHE A 174 22.02 21.99 7.29
C PHE A 174 21.52 21.82 8.73
N VAL A 175 21.72 22.85 9.55
CA VAL A 175 21.34 22.86 10.98
C VAL A 175 20.44 24.01 11.29
N ASN A 176 19.63 23.84 12.34
CA ASN A 176 18.89 24.94 12.94
C ASN A 176 19.80 25.73 13.91
N ARG A 177 19.30 26.83 14.45
CA ARG A 177 19.97 27.65 15.51
C ARG A 177 20.43 26.90 16.77
N ALA A 178 19.80 25.76 17.05
CA ALA A 178 20.12 24.89 18.19
C ALA A 178 21.14 23.78 17.90
N ASN A 179 21.83 23.86 16.76
CA ASN A 179 22.80 22.83 16.33
C ASN A 179 22.23 21.42 16.09
N GLN A 180 20.93 21.32 15.81
CA GLN A 180 20.24 20.05 15.54
C GLN A 180 20.05 19.98 14.01
N ARG A 181 20.19 18.79 13.43
CA ARG A 181 20.06 18.67 11.97
C ARG A 181 18.63 18.92 11.55
N LEU A 182 18.44 19.64 10.45
CA LEU A 182 17.12 19.76 9.84
C LEU A 182 16.71 18.39 9.31
N ASN A 183 15.42 18.08 9.39
CA ASN A 183 14.86 16.85 8.83
C ASN A 183 14.88 16.87 7.26
N PRO A 184 14.94 15.68 6.62
CA PRO A 184 15.24 15.51 5.19
C PRO A 184 14.53 16.42 4.17
N MET A 185 13.23 16.64 4.34
CA MET A 185 12.51 17.48 3.37
C MET A 185 13.04 18.92 3.40
N HIS A 186 13.29 19.46 4.60
CA HIS A 186 13.90 20.79 4.76
C HIS A 186 15.38 20.86 4.32
N GLN A 187 16.12 19.76 4.52
CA GLN A 187 17.48 19.63 4.01
C GLN A 187 17.49 19.86 2.50
N LEU A 188 16.61 19.14 1.82
CA LEU A 188 16.46 19.29 0.39
C LEU A 188 16.08 20.73 0.03
N LEU A 189 15.13 21.30 0.74
CA LEU A 189 14.61 22.62 0.40
C LEU A 189 15.67 23.75 0.50
N ARG A 190 16.47 23.76 1.57
CA ARG A 190 17.55 24.74 1.72
C ARG A 190 18.64 24.56 0.68
N HIS A 191 18.91 23.32 0.32
CA HIS A 191 19.86 23.07 -0.74
C HIS A 191 19.42 23.73 -2.05
N PHE A 192 18.24 23.38 -2.54
CA PHE A 192 17.74 23.93 -3.80
C PHE A 192 17.38 25.43 -3.70
N GLN A 193 17.16 25.94 -2.48
CA GLN A 193 17.04 27.40 -2.24
C GLN A 193 18.38 28.14 -2.38
N LYS A 194 19.50 27.51 -2.02
CA LYS A 194 20.82 28.06 -2.33
C LYS A 194 21.08 28.09 -3.82
N ASP A 195 20.63 27.07 -4.55
CA ASP A 195 20.82 27.00 -6.01
C ASP A 195 19.90 25.98 -6.67
N ALA A 196 19.03 26.44 -7.55
CA ALA A 196 18.04 25.56 -8.19
C ALA A 196 18.37 25.25 -9.66
N LYS A 197 19.65 25.32 -10.02
CA LYS A 197 20.04 25.28 -11.45
C LYS A 197 20.05 23.84 -11.94
N VAL A 198 20.81 23.02 -11.22
CA VAL A 198 20.86 21.58 -11.47
C VAL A 198 19.42 21.01 -11.38
N LEU A 199 18.65 21.47 -10.40
CA LEU A 199 17.26 21.06 -10.27
C LEU A 199 16.43 21.31 -11.51
N PHE A 200 16.46 22.55 -11.99
CA PHE A 200 15.64 22.97 -13.13
C PHE A 200 16.14 22.37 -14.43
N GLN A 201 17.46 22.31 -14.60
CA GLN A 201 18.05 21.67 -15.78
C GLN A 201 17.57 20.23 -15.84
N ASN A 202 17.78 19.50 -14.75
CA ASN A 202 17.47 18.07 -14.72
C ASN A 202 15.97 17.68 -14.64
N TRP A 203 15.07 18.63 -14.37
CA TRP A 203 13.64 18.32 -14.18
C TRP A 203 12.94 17.75 -15.39
N GLY A 204 13.11 18.42 -16.53
CA GLY A 204 12.52 18.01 -17.80
C GLY A 204 11.62 19.04 -18.44
N ILE A 205 11.56 18.99 -19.77
CA ILE A 205 10.93 19.99 -20.60
C ILE A 205 9.84 19.35 -21.45
N GLU A 206 8.85 20.12 -21.85
CA GLU A 206 7.75 19.59 -22.68
C GLU A 206 7.05 20.67 -23.54
N HIS A 207 6.45 20.23 -24.66
CA HIS A 207 5.70 21.11 -25.57
C HIS A 207 4.36 21.46 -24.95
N ILE A 208 3.88 22.67 -25.22
CA ILE A 208 2.60 23.14 -24.69
C ILE A 208 1.77 23.84 -25.76
N ASP A 209 0.45 23.82 -25.57
CA ASP A 209 -0.51 24.59 -26.35
C ASP A 209 -0.85 25.85 -25.58
N ASN A 210 -0.92 27.00 -26.26
CA ASN A 210 -1.26 28.26 -25.59
C ASN A 210 -2.71 28.35 -25.14
N VAL A 211 -2.98 27.93 -23.92
CA VAL A 211 -4.22 28.29 -23.22
C VAL A 211 -4.01 29.75 -22.83
N MET A 212 -4.90 30.63 -23.28
CA MET A 212 -4.77 32.08 -23.05
C MET A 212 -4.92 32.40 -21.55
N GLY A 213 -4.05 33.28 -21.05
CA GLY A 213 -3.86 33.45 -19.61
C GLY A 213 -2.59 32.79 -19.09
N MET A 214 -2.20 31.67 -19.70
CA MET A 214 -1.08 30.85 -19.25
C MET A 214 0.11 30.83 -20.21
N VAL A 215 1.30 30.57 -19.68
CA VAL A 215 2.56 30.65 -20.42
C VAL A 215 3.52 29.56 -19.90
N GLY A 216 4.51 29.20 -20.72
CA GLY A 216 5.56 28.30 -20.30
C GLY A 216 6.69 29.00 -19.60
N VAL A 217 7.53 28.23 -18.93
CA VAL A 217 8.75 28.76 -18.31
C VAL A 217 9.87 27.71 -18.41
N LEU A 218 11.03 28.16 -18.87
CA LEU A 218 12.17 27.27 -19.12
C LEU A 218 13.08 27.22 -17.88
N PRO A 219 14.05 26.27 -17.84
CA PRO A 219 14.98 26.18 -16.71
C PRO A 219 15.81 27.43 -16.38
N ASP A 220 15.98 28.34 -17.34
CA ASP A 220 16.60 29.65 -17.04
C ASP A 220 15.59 30.75 -16.66
N MET A 221 14.32 30.37 -16.43
CA MET A 221 13.20 31.27 -16.09
C MET A 221 12.68 32.16 -17.25
N THR A 222 13.14 31.89 -18.46
CA THR A 222 12.68 32.60 -19.64
C THR A 222 11.29 32.10 -20.03
N PRO A 223 10.32 33.02 -20.19
CA PRO A 223 9.01 32.55 -20.65
C PRO A 223 9.03 31.95 -22.07
N SER A 224 8.00 31.22 -22.42
CA SER A 224 7.82 30.68 -23.76
C SER A 224 6.37 30.31 -24.01
N THR A 225 5.99 30.31 -25.28
CA THR A 225 4.67 29.85 -25.72
C THR A 225 4.76 28.41 -26.27
N GLU A 226 5.98 27.94 -26.50
CA GLU A 226 6.27 26.72 -27.23
C GLU A 226 6.51 25.57 -26.24
N MET A 227 7.44 25.79 -25.31
CA MET A 227 7.85 24.78 -24.33
C MET A 227 7.73 25.30 -22.88
N SER A 228 7.73 24.35 -21.95
CA SER A 228 7.77 24.65 -20.54
C SER A 228 8.40 23.50 -19.76
N MET A 229 8.82 23.80 -18.54
CA MET A 229 9.26 22.77 -17.61
C MET A 229 8.07 21.84 -17.31
N ARG A 230 8.32 20.53 -17.38
CA ARG A 230 7.29 19.49 -17.24
C ARG A 230 6.30 19.76 -16.09
N GLY A 231 5.04 19.93 -16.42
CA GLY A 231 3.98 20.18 -15.45
C GLY A 231 3.75 21.63 -15.09
N ILE A 232 4.72 22.52 -15.34
CA ILE A 232 4.68 23.87 -14.82
C ILE A 232 4.23 24.90 -15.84
N ARG A 233 3.22 25.71 -15.47
CA ARG A 233 2.76 26.84 -16.27
C ARG A 233 2.61 28.07 -15.39
N VAL A 234 3.12 29.21 -15.88
CA VAL A 234 2.92 30.49 -15.20
C VAL A 234 1.57 31.07 -15.62
N SER A 235 0.94 31.83 -14.72
CA SER A 235 -0.36 32.45 -14.96
C SER A 235 -0.41 33.86 -14.36
N LYS A 236 -1.55 34.53 -14.55
CA LYS A 236 -1.71 35.93 -14.10
C LYS A 236 -2.56 36.18 -12.84
N MET A 237 -3.37 35.21 -12.43
CA MET A 237 -4.16 35.34 -11.17
C MET A 237 -4.59 33.96 -10.64
N GLY A 238 -3.77 33.35 -9.77
CA GLY A 238 -4.11 32.10 -9.10
C GLY A 238 -5.18 32.33 -8.02
N VAL A 239 -6.40 31.80 -8.20
CA VAL A 239 -7.47 31.94 -7.18
C VAL A 239 -7.27 30.86 -6.12
N SER A 244 -11.71 30.15 3.16
CA SER A 244 -11.82 30.58 4.55
C SER A 244 -11.40 29.48 5.53
N THR A 245 -11.12 29.90 6.76
CA THR A 245 -10.47 29.11 7.80
C THR A 245 -11.35 28.03 8.43
N GLU A 246 -10.81 26.81 8.54
CA GLU A 246 -11.39 25.75 9.38
C GLU A 246 -10.44 25.43 10.53
N ARG A 247 -10.83 25.78 11.76
CA ARG A 247 -10.00 25.54 12.94
C ARG A 247 -10.14 24.12 13.49
N VAL A 248 -9.00 23.47 13.76
CA VAL A 248 -8.94 22.11 14.26
C VAL A 248 -7.92 21.91 15.38
N VAL A 249 -8.11 20.85 16.16
CA VAL A 249 -7.22 20.50 17.25
C VAL A 249 -5.98 19.89 16.66
N VAL A 250 -4.83 20.31 17.14
CA VAL A 250 -3.53 19.86 16.66
C VAL A 250 -2.70 19.53 17.89
N SER A 251 -1.53 18.95 17.69
CA SER A 251 -0.69 18.54 18.81
C SER A 251 0.64 19.29 18.76
N ILE A 252 1.34 19.34 19.89
CA ILE A 252 2.66 19.94 19.94
C ILE A 252 3.60 19.05 20.74
N ASP A 253 4.89 19.11 20.43
CA ASP A 253 5.90 18.36 21.19
C ASP A 253 6.95 19.31 21.79
N ARG A 254 7.94 18.72 22.45
CA ARG A 254 9.12 19.40 23.01
C ARG A 254 9.77 20.43 22.08
N PHE A 255 10.01 20.08 20.82
CA PHE A 255 10.70 21.00 19.90
C PHE A 255 9.78 21.94 19.08
N LEU A 256 8.55 22.15 19.54
CA LEU A 256 7.60 23.06 18.92
C LEU A 256 7.22 22.64 17.50
N ARG A 257 7.15 21.34 17.28
CA ARG A 257 6.66 20.81 16.03
C ARG A 257 5.17 20.57 16.22
N VAL A 258 4.35 21.29 15.43
CA VAL A 258 2.89 21.16 15.51
C VAL A 258 2.45 20.12 14.50
N ARG A 259 1.72 19.11 14.96
CA ARG A 259 1.31 18.01 14.10
C ARG A 259 -0.21 17.82 14.04
N ASP A 260 -0.66 17.32 12.90
CA ASP A 260 -2.03 16.87 12.70
C ASP A 260 -2.18 15.49 13.36
N GLN A 261 -3.36 14.87 13.23
CA GLN A 261 -3.65 13.62 13.95
C GLN A 261 -2.90 12.42 13.27
N ARG A 262 -2.48 12.60 12.03
CA ARG A 262 -1.69 11.61 11.30
C ARG A 262 -0.16 11.78 11.48
N GLY A 263 0.27 12.80 12.20
CA GLY A 263 1.69 13.00 12.46
C GLY A 263 2.43 13.80 11.42
N ASN A 264 1.74 14.39 10.43
CA ASN A 264 2.35 15.32 9.49
C ASN A 264 2.64 16.59 10.26
N VAL A 265 3.85 17.12 10.14
CA VAL A 265 4.24 18.40 10.76
C VAL A 265 3.58 19.59 10.03
N LEU A 266 2.63 20.24 10.70
CA LEU A 266 1.96 21.43 10.16
C LEU A 266 2.82 22.66 10.24
N LEU A 267 3.51 22.84 11.37
CA LEU A 267 4.33 24.02 11.66
C LEU A 267 5.57 23.65 12.47
N SER A 268 6.57 24.53 12.43
CA SER A 268 7.77 24.42 13.28
C SER A 268 8.54 25.74 13.35
N PRO A 269 9.46 25.87 14.33
CA PRO A 269 10.46 26.95 14.31
C PRO A 269 11.03 27.23 12.91
N GLU A 270 11.34 26.17 12.17
CA GLU A 270 11.91 26.27 10.82
C GLU A 270 11.03 27.00 9.75
N GLU A 271 9.72 27.09 9.99
CA GLU A 271 8.81 27.79 9.11
C GLU A 271 8.33 29.15 9.66
N VAL A 272 9.04 29.68 10.65
CA VAL A 272 8.72 30.98 11.23
C VAL A 272 9.64 32.01 10.56
N SER A 273 9.03 33.09 10.06
CA SER A 273 9.71 34.12 9.29
C SER A 273 10.80 34.80 10.10
N GLU A 274 11.93 35.10 9.43
CA GLU A 274 13.07 35.76 10.06
C GLU A 274 12.93 37.27 10.18
N THR A 275 11.86 37.85 9.63
CA THR A 275 11.63 39.29 9.68
C THR A 275 11.59 39.85 11.11
N HIS A 276 12.59 40.69 11.43
CA HIS A 276 12.54 41.54 12.62
C HIS A 276 11.64 42.71 12.23
N GLY A 277 10.91 43.24 13.19
CA GLY A 277 10.01 44.37 12.96
C GLY A 277 9.75 45.04 14.28
N THR A 278 9.43 46.33 14.24
CA THR A 278 9.24 47.07 15.47
C THR A 278 7.75 47.15 15.81
N GLU A 279 7.41 46.47 16.91
CA GLU A 279 6.09 46.47 17.56
C GLU A 279 5.39 47.83 17.59
N ARG A 280 4.06 47.81 17.44
CA ARG A 280 3.25 49.04 17.57
C ARG A 280 2.69 49.26 18.99
N LEU A 281 2.37 48.18 19.72
CA LEU A 281 2.01 48.25 21.14
C LEU A 281 3.17 47.69 21.99
N THR A 282 3.47 48.31 23.13
CA THR A 282 4.64 47.91 23.92
C THR A 282 4.54 46.44 24.34
N ILE A 283 5.66 45.74 24.23
CA ILE A 283 5.76 44.32 24.57
C ILE A 283 6.68 44.23 25.79
N THR A 284 6.14 43.69 26.89
CA THR A 284 6.92 43.46 28.11
C THR A 284 7.07 41.95 28.39
N TYR A 285 8.32 41.47 28.43
CA TYR A 285 8.66 40.05 28.65
C TYR A 285 8.91 39.75 30.15
N SER A 286 9.53 38.63 30.48
CA SER A 286 9.56 38.14 31.86
C SER A 286 10.59 38.89 32.75
N GLU B 3 -12.44 -2.23 -52.93
CA GLU B 3 -11.90 -2.81 -51.65
C GLU B 3 -11.26 -4.17 -51.93
N VAL B 4 -9.91 -4.23 -51.95
CA VAL B 4 -9.14 -5.39 -52.49
C VAL B 4 -7.95 -5.83 -51.61
N ARG B 5 -7.48 -7.07 -51.81
CA ARG B 5 -6.19 -7.60 -51.27
C ARG B 5 -6.04 -7.60 -49.72
N ASN B 6 -5.20 -6.71 -49.17
CA ASN B 6 -4.94 -6.64 -47.72
C ASN B 6 -6.20 -6.26 -46.93
N ASP B 7 -7.05 -5.43 -47.52
CA ASP B 7 -8.31 -5.01 -46.92
C ASP B 7 -9.33 -6.16 -46.75
N ASP B 8 -9.42 -7.05 -47.73
CA ASP B 8 -10.38 -8.18 -47.67
C ASP B 8 -9.96 -9.31 -46.72
N ILE B 9 -8.66 -9.55 -46.59
CA ILE B 9 -8.13 -10.57 -45.66
C ILE B 9 -8.40 -10.16 -44.20
N ASP B 10 -8.19 -8.89 -43.92
CA ASP B 10 -8.43 -8.33 -42.59
C ASP B 10 -9.91 -8.46 -42.19
N GLN B 11 -10.81 -7.99 -43.05
CA GLN B 11 -12.26 -8.14 -42.83
C GLN B 11 -12.64 -9.60 -42.57
N SER B 12 -12.04 -10.50 -43.33
CA SER B 12 -12.39 -11.92 -43.26
C SER B 12 -11.79 -12.62 -42.05
N LEU B 13 -10.55 -12.24 -41.70
CA LEU B 13 -9.84 -12.77 -40.51
C LEU B 13 -10.58 -12.48 -39.20
N ILE B 14 -11.10 -11.25 -39.11
CA ILE B 14 -11.88 -10.81 -37.95
C ILE B 14 -13.13 -11.66 -37.81
N ILE B 15 -13.85 -11.83 -38.91
CA ILE B 15 -15.06 -12.66 -38.93
C ILE B 15 -14.77 -14.11 -38.50
N ALA B 16 -13.65 -14.66 -38.98
CA ALA B 16 -13.29 -16.03 -38.62
C ALA B 16 -12.89 -16.13 -37.14
N ALA B 17 -12.09 -15.18 -36.66
CA ALA B 17 -11.63 -15.16 -35.27
C ALA B 17 -12.77 -15.01 -34.27
N ARG B 18 -13.70 -14.11 -34.59
CA ARG B 18 -14.87 -13.90 -33.75
C ARG B 18 -15.73 -15.14 -33.66
N ASN B 19 -15.95 -15.80 -34.79
CA ASN B 19 -16.68 -17.05 -34.78
C ASN B 19 -16.01 -18.13 -33.93
N ILE B 20 -14.68 -18.22 -34.02
CA ILE B 20 -13.90 -19.22 -33.29
C ILE B 20 -13.95 -19.01 -31.78
N VAL B 21 -13.82 -17.77 -31.36
CA VAL B 21 -13.84 -17.44 -29.94
C VAL B 21 -15.25 -17.67 -29.38
N ARG B 22 -16.27 -17.31 -30.15
CA ARG B 22 -17.64 -17.60 -29.74
C ARG B 22 -17.91 -19.09 -29.58
N ARG B 23 -17.42 -19.91 -30.51
CA ARG B 23 -17.62 -21.36 -30.43
C ARG B 23 -16.80 -22.00 -29.33
N ALA B 24 -15.57 -21.54 -29.16
CA ALA B 24 -14.66 -22.07 -28.14
C ALA B 24 -15.16 -21.78 -26.72
N SER B 25 -15.67 -20.55 -26.55
CA SER B 25 -16.08 -20.07 -25.24
C SER B 25 -17.14 -20.94 -24.56
N VAL B 26 -17.93 -21.69 -25.35
CA VAL B 26 -19.02 -22.53 -24.83
C VAL B 26 -18.50 -23.93 -24.45
N SER B 27 -17.27 -24.24 -24.85
CA SER B 27 -16.68 -25.54 -24.60
C SER B 27 -16.09 -25.58 -23.19
N ALA B 28 -15.94 -26.81 -22.69
CA ALA B 28 -15.40 -27.08 -21.35
C ALA B 28 -13.98 -26.56 -21.16
N ASP B 29 -13.13 -26.85 -22.14
CA ASP B 29 -11.79 -26.28 -22.30
C ASP B 29 -11.73 -25.39 -23.60
N PRO B 30 -12.11 -24.10 -23.52
CA PRO B 30 -12.09 -23.23 -24.69
C PRO B 30 -10.74 -23.04 -25.37
N LEU B 31 -9.66 -22.94 -24.59
CA LEU B 31 -8.32 -22.74 -25.16
C LEU B 31 -8.02 -23.84 -26.19
N ALA B 32 -8.27 -25.08 -25.78
CA ALA B 32 -8.02 -26.23 -26.64
C ALA B 32 -8.93 -26.24 -27.87
N SER B 33 -10.20 -25.86 -27.71
CA SER B 33 -11.12 -25.75 -28.83
C SER B 33 -10.63 -24.71 -29.81
N LEU B 34 -10.22 -23.55 -29.31
CA LEU B 34 -9.78 -22.46 -30.17
C LEU B 34 -8.53 -22.86 -30.92
N LEU B 35 -7.61 -23.51 -30.22
CA LEU B 35 -6.40 -23.99 -30.86
C LEU B 35 -6.69 -25.02 -31.97
N GLU B 36 -7.73 -25.83 -31.80
CA GLU B 36 -8.13 -26.79 -32.84
C GLU B 36 -8.62 -26.07 -34.09
N MET B 37 -9.55 -25.14 -33.90
CA MET B 37 -10.21 -24.45 -35.01
C MET B 37 -9.23 -23.57 -35.77
N CYS B 38 -8.29 -22.94 -35.07
CA CYS B 38 -7.29 -22.09 -35.72
C CYS B 38 -6.38 -22.90 -36.65
N HIS B 39 -5.97 -24.08 -36.19
N HIS B 39 -5.97 -24.08 -36.18
CA HIS B 39 -5.10 -24.98 -36.95
CA HIS B 39 -5.11 -24.98 -36.95
C HIS B 39 -5.80 -25.75 -38.08
C HIS B 39 -5.80 -25.75 -38.08
N SER B 40 -7.13 -25.84 -38.04
CA SER B 40 -7.90 -26.48 -39.12
C SER B 40 -8.93 -25.51 -39.76
N THR B 41 -8.55 -24.23 -39.92
CA THR B 41 -9.38 -23.25 -40.62
C THR B 41 -8.56 -22.55 -41.71
N GLN B 42 -9.16 -22.41 -42.88
CA GLN B 42 -8.53 -21.68 -43.98
C GLN B 42 -9.40 -20.48 -44.32
N ILE B 43 -8.73 -19.40 -44.77
CA ILE B 43 -9.39 -18.17 -45.21
C ILE B 43 -8.86 -17.89 -46.62
N GLY B 44 -9.77 -17.86 -47.60
CA GLY B 44 -9.39 -17.77 -49.01
C GLY B 44 -8.37 -18.82 -49.48
N GLY B 45 -8.38 -20.02 -48.90
CA GLY B 45 -7.44 -21.07 -49.26
C GLY B 45 -6.12 -21.10 -48.48
N THR B 46 -5.70 -19.97 -47.91
CA THR B 46 -4.58 -19.94 -46.95
C THR B 46 -4.95 -20.32 -45.51
N ARG B 47 -4.02 -20.97 -44.81
CA ARG B 47 -4.23 -21.40 -43.42
C ARG B 47 -4.30 -20.20 -42.50
N MET B 48 -5.20 -20.28 -41.52
CA MET B 48 -5.44 -19.16 -40.59
C MET B 48 -4.25 -18.88 -39.68
N VAL B 49 -3.49 -19.90 -39.30
CA VAL B 49 -2.30 -19.67 -38.47
C VAL B 49 -1.23 -18.93 -39.26
N ASP B 50 -1.14 -19.18 -40.55
CA ASP B 50 -0.21 -18.44 -41.41
C ASP B 50 -0.64 -16.99 -41.59
N ILE B 51 -1.94 -16.73 -41.61
CA ILE B 51 -2.44 -15.34 -41.66
C ILE B 51 -2.16 -14.62 -40.34
N LEU B 52 -2.31 -15.34 -39.22
CA LEU B 52 -2.08 -14.75 -37.89
C LEU B 52 -0.65 -14.37 -37.67
N ARG B 53 0.27 -15.23 -38.09
CA ARG B 53 1.71 -14.94 -38.05
C ARG B 53 2.14 -13.71 -38.87
N GLN B 54 1.48 -13.40 -39.98
CA GLN B 54 1.87 -12.26 -40.84
C GLN B 54 1.01 -10.98 -40.74
N ASN B 55 -0.29 -11.13 -40.46
CA ASN B 55 -1.25 -10.02 -40.52
C ASN B 55 -1.18 -9.11 -39.28
N PRO B 56 -1.06 -7.79 -39.47
CA PRO B 56 -0.91 -6.86 -38.32
C PRO B 56 -2.19 -6.34 -37.66
N THR B 57 -3.37 -6.82 -38.06
CA THR B 57 -4.65 -6.35 -37.48
C THR B 57 -4.70 -6.54 -35.95
N GLU B 58 -5.01 -5.48 -35.22
CA GLU B 58 -5.28 -5.59 -33.77
C GLU B 58 -6.78 -5.49 -33.57
N GLU B 59 -7.41 -6.62 -33.32
CA GLU B 59 -8.84 -6.71 -33.00
C GLU B 59 -8.97 -7.72 -31.85
N GLN B 60 -10.06 -7.63 -31.08
CA GLN B 60 -10.17 -8.40 -29.83
C GLN B 60 -10.17 -9.93 -30.02
N ALA B 61 -10.97 -10.43 -30.97
CA ALA B 61 -11.01 -11.86 -31.29
C ALA B 61 -9.71 -12.30 -31.92
N VAL B 62 -9.23 -11.50 -32.85
CA VAL B 62 -7.98 -11.83 -33.54
C VAL B 62 -6.83 -11.91 -32.57
N ASP B 63 -6.70 -10.91 -31.70
CA ASP B 63 -5.59 -10.89 -30.72
C ASP B 63 -5.64 -12.01 -29.67
N ILE B 64 -6.85 -12.46 -29.29
CA ILE B 64 -7.01 -13.67 -28.48
C ILE B 64 -6.38 -14.90 -29.16
N CYS B 65 -6.65 -15.06 -30.45
CA CYS B 65 -6.07 -16.16 -31.21
C CYS B 65 -4.55 -16.04 -31.34
N LYS B 66 -4.03 -14.84 -31.55
CA LYS B 66 -2.60 -14.62 -31.62
C LYS B 66 -1.89 -15.01 -30.34
N ALA B 67 -2.44 -14.54 -29.21
CA ALA B 67 -1.98 -14.89 -27.87
C ALA B 67 -1.96 -16.41 -27.64
N ALA B 68 -3.02 -17.07 -28.09
CA ALA B 68 -3.16 -18.53 -28.01
C ALA B 68 -1.98 -19.31 -28.57
N MET B 69 -1.34 -18.75 -29.61
CA MET B 69 -0.17 -19.37 -30.21
C MET B 69 1.13 -18.59 -29.96
N GLY B 70 1.14 -17.80 -28.89
CA GLY B 70 2.33 -17.12 -28.41
C GLY B 70 2.81 -15.94 -29.21
N LEU B 71 1.96 -15.39 -30.06
CA LEU B 71 2.34 -14.25 -30.88
C LEU B 71 2.23 -12.99 -30.04
N ARG B 72 3.09 -12.02 -30.32
CA ARG B 72 2.99 -10.72 -29.63
C ARG B 72 1.77 -9.95 -30.09
N ILE B 73 1.15 -9.21 -29.16
CA ILE B 73 0.00 -8.37 -29.45
C ILE B 73 0.13 -6.99 -28.81
N SER B 74 -0.72 -6.07 -29.26
CA SER B 74 -0.83 -4.74 -28.67
C SER B 74 -0.99 -4.84 -27.15
N SER B 75 -0.32 -3.94 -26.43
CA SER B 75 -0.37 -3.92 -24.96
C SER B 75 -1.63 -3.21 -24.39
N SER B 76 -2.39 -2.56 -25.25
CA SER B 76 -3.71 -2.06 -24.84
C SER B 76 -4.67 -3.14 -24.30
N PHE B 77 -5.76 -2.70 -23.69
CA PHE B 77 -6.80 -3.61 -23.20
C PHE B 77 -8.18 -3.09 -23.57
N SER B 78 -9.16 -3.97 -23.48
CA SER B 78 -10.49 -3.65 -23.96
C SER B 78 -11.48 -3.71 -22.80
N PHE B 79 -12.18 -2.60 -22.56
CA PHE B 79 -13.27 -2.58 -21.59
C PHE B 79 -14.44 -1.84 -22.20
N GLY B 80 -15.62 -2.48 -22.16
CA GLY B 80 -16.86 -1.89 -22.70
C GLY B 80 -16.86 -1.65 -24.20
N GLY B 81 -16.10 -2.49 -24.91
CA GLY B 81 -15.84 -2.25 -26.32
C GLY B 81 -14.73 -1.28 -26.66
N PHE B 82 -14.28 -0.45 -25.71
CA PHE B 82 -13.29 0.59 -26.00
C PHE B 82 -11.88 0.06 -25.82
N THR B 83 -10.98 0.49 -26.70
CA THR B 83 -9.55 0.25 -26.48
C THR B 83 -8.97 1.30 -25.55
N PHE B 84 -8.31 0.84 -24.47
CA PHE B 84 -7.62 1.72 -23.50
C PHE B 84 -6.10 1.64 -23.70
N LYS B 85 -5.41 2.77 -23.90
CA LYS B 85 -3.95 2.79 -23.79
C LYS B 85 -3.58 3.72 -22.67
N ARG B 86 -2.75 3.21 -21.76
CA ARG B 86 -2.15 4.03 -20.75
C ARG B 86 -1.11 4.94 -21.35
N THR B 87 -1.35 6.24 -21.23
CA THR B 87 -0.44 7.27 -21.70
C THR B 87 0.51 7.75 -20.60
N SER B 88 0.19 7.46 -19.33
CA SER B 88 0.99 7.93 -18.20
C SER B 88 0.71 7.17 -16.88
N GLY B 89 1.64 7.28 -15.93
CA GLY B 89 1.41 6.85 -14.56
C GLY B 89 1.43 5.36 -14.41
N SER B 90 0.96 4.90 -13.27
CA SER B 90 1.01 3.48 -12.93
C SER B 90 0.06 3.21 -11.78
N SER B 91 -0.10 1.93 -11.41
CA SER B 91 -0.87 1.55 -10.22
C SER B 91 -0.46 0.21 -9.61
N ILE B 92 -0.92 -0.09 -8.41
CA ILE B 92 -0.81 -1.44 -7.88
C ILE B 92 -2.22 -1.96 -7.57
N LYS B 93 -2.30 -3.26 -7.23
CA LYS B 93 -3.57 -3.98 -7.16
C LYS B 93 -3.80 -4.56 -5.78
N ARG B 94 -5.02 -4.43 -5.34
CA ARG B 94 -5.39 -4.82 -4.02
C ARG B 94 -6.80 -5.28 -4.18
N GLU B 95 -7.08 -6.49 -3.75
CA GLU B 95 -8.44 -7.00 -3.74
C GLU B 95 -9.18 -6.47 -2.48
N GLU B 96 -10.42 -6.02 -2.66
CA GLU B 96 -11.25 -5.44 -1.58
C GLU B 96 -12.69 -5.87 -1.71
N GLU B 97 -13.42 -6.01 -0.62
CA GLU B 97 -14.83 -6.43 -0.72
C GLU B 97 -15.57 -5.14 -0.74
N VAL B 98 -16.44 -4.91 -1.71
CA VAL B 98 -17.34 -3.74 -1.67
C VAL B 98 -18.80 -4.19 -1.54
N LEU B 99 -19.68 -3.23 -1.22
CA LEU B 99 -21.10 -3.43 -0.96
C LEU B 99 -21.92 -2.54 -1.90
N THR B 100 -22.80 -3.15 -2.71
CA THR B 100 -23.63 -2.41 -3.67
C THR B 100 -24.74 -1.68 -2.94
N GLY B 101 -25.51 -0.87 -3.67
CA GLY B 101 -26.75 -0.32 -3.13
C GLY B 101 -27.78 -1.37 -2.72
N ASN B 102 -27.67 -2.59 -3.26
CA ASN B 102 -28.51 -3.70 -2.79
C ASN B 102 -27.77 -4.69 -1.90
N LEU B 103 -26.76 -4.18 -1.20
CA LEU B 103 -26.09 -4.88 -0.12
C LEU B 103 -25.46 -6.19 -0.57
N GLN B 104 -25.06 -6.25 -1.84
CA GLN B 104 -24.38 -7.43 -2.39
C GLN B 104 -22.89 -7.19 -2.33
N THR B 105 -22.17 -8.13 -1.74
CA THR B 105 -20.72 -8.05 -1.76
C THR B 105 -20.12 -8.23 -3.15
N LEU B 106 -19.06 -7.49 -3.46
CA LEU B 106 -18.29 -7.75 -4.67
C LEU B 106 -16.84 -7.68 -4.28
N LYS B 107 -16.06 -8.65 -4.72
CA LYS B 107 -14.60 -8.64 -4.55
C LYS B 107 -14.03 -8.03 -5.80
N ILE B 108 -13.29 -6.94 -5.64
CA ILE B 108 -12.79 -6.15 -6.77
C ILE B 108 -11.29 -5.96 -6.65
N ARG B 109 -10.57 -6.07 -7.75
CA ARG B 109 -9.15 -5.73 -7.75
C ARG B 109 -9.05 -4.23 -7.99
N VAL B 110 -8.95 -3.48 -6.89
CA VAL B 110 -8.85 -2.02 -6.89
C VAL B 110 -7.44 -1.57 -7.27
N HIS B 111 -7.37 -0.63 -8.21
CA HIS B 111 -6.11 -0.07 -8.65
C HIS B 111 -5.79 1.18 -7.85
N GLU B 112 -4.55 1.22 -7.35
CA GLU B 112 -4.09 2.30 -6.52
C GLU B 112 -2.96 2.98 -7.25
N GLY B 113 -3.20 4.22 -7.64
CA GLY B 113 -2.20 5.05 -8.31
C GLY B 113 -2.85 6.16 -9.08
N TYR B 114 -2.02 6.92 -9.80
CA TYR B 114 -2.51 7.97 -10.68
C TYR B 114 -2.09 7.53 -12.07
N GLU B 115 -3.09 7.40 -12.97
CA GLU B 115 -2.91 6.95 -14.35
C GLU B 115 -3.73 7.83 -15.34
N GLU B 116 -3.22 7.97 -16.56
CA GLU B 116 -3.91 8.70 -17.63
C GLU B 116 -4.00 7.78 -18.86
N PHE B 117 -5.21 7.66 -19.42
CA PHE B 117 -5.47 6.81 -20.58
C PHE B 117 -6.18 7.59 -21.68
N THR B 118 -6.08 7.07 -22.90
CA THR B 118 -6.99 7.38 -24.01
C THR B 118 -7.92 6.20 -24.22
N MET B 119 -9.22 6.48 -24.35
CA MET B 119 -10.22 5.49 -24.75
C MET B 119 -10.55 5.72 -26.23
N VAL B 120 -10.62 4.63 -26.99
CA VAL B 120 -10.98 4.72 -28.40
C VAL B 120 -12.01 3.66 -28.72
N GLY B 121 -13.25 4.09 -28.95
CA GLY B 121 -14.31 3.23 -29.49
C GLY B 121 -14.55 3.60 -30.93
N LYS B 122 -15.51 2.93 -31.57
CA LYS B 122 -15.79 3.22 -32.99
C LYS B 122 -16.61 4.48 -33.19
N ARG B 123 -17.40 4.86 -32.18
CA ARG B 123 -18.25 6.03 -32.26
C ARG B 123 -17.97 7.12 -31.22
N ALA B 124 -16.92 6.95 -30.43
CA ALA B 124 -16.54 7.91 -29.36
C ALA B 124 -15.10 7.69 -28.94
N THR B 125 -14.38 8.76 -28.64
CA THR B 125 -13.05 8.66 -28.02
C THR B 125 -12.94 9.61 -26.81
N ALA B 126 -11.94 9.38 -25.97
CA ALA B 126 -11.82 10.10 -24.69
C ALA B 126 -10.43 10.08 -24.12
N ILE B 127 -10.15 11.07 -23.27
CA ILE B 127 -8.98 11.10 -22.42
C ILE B 127 -9.52 10.92 -21.00
N LEU B 128 -9.01 9.88 -20.32
CA LEU B 128 -9.37 9.58 -18.94
C LEU B 128 -8.18 9.76 -18.02
N ARG B 129 -8.37 10.54 -16.95
CA ARG B 129 -7.40 10.66 -15.84
C ARG B 129 -8.08 10.15 -14.59
N LYS B 130 -7.37 9.38 -13.79
CA LYS B 130 -7.97 8.77 -12.62
C LYS B 130 -6.97 8.42 -11.54
N ALA B 131 -7.48 8.41 -10.33
CA ALA B 131 -6.73 8.02 -9.15
C ALA B 131 -7.44 6.84 -8.48
N THR B 132 -6.87 6.34 -7.39
CA THR B 132 -7.48 5.28 -6.60
C THR B 132 -8.97 5.55 -6.34
N ARG B 133 -9.83 4.69 -6.88
CA ARG B 133 -11.28 4.82 -6.76
C ARG B 133 -11.79 6.25 -7.02
N ARG B 134 -11.18 6.94 -7.98
CA ARG B 134 -11.58 8.31 -8.29
C ARG B 134 -11.41 8.67 -9.76
N LEU B 135 -12.48 9.20 -10.34
CA LEU B 135 -12.38 9.86 -11.63
C LEU B 135 -11.86 11.26 -11.37
N VAL B 136 -10.74 11.59 -12.00
CA VAL B 136 -10.17 12.94 -11.86
C VAL B 136 -10.74 13.81 -13.00
N GLN B 137 -10.51 13.37 -14.24
CA GLN B 137 -11.13 14.00 -15.41
C GLN B 137 -11.40 13.07 -16.58
N LEU B 138 -12.51 13.31 -17.28
CA LEU B 138 -12.85 12.64 -18.55
C LEU B 138 -13.21 13.70 -19.62
N ILE B 139 -12.36 13.83 -20.64
CA ILE B 139 -12.66 14.64 -21.83
C ILE B 139 -13.16 13.65 -22.89
N VAL B 140 -14.43 13.75 -23.30
CA VAL B 140 -15.00 12.82 -24.29
C VAL B 140 -15.57 13.50 -25.56
N SER B 141 -15.27 12.91 -26.74
CA SER B 141 -15.91 13.24 -28.04
C SER B 141 -16.80 12.07 -28.50
N GLY B 142 -17.72 12.35 -29.43
CA GLY B 142 -18.55 11.28 -30.00
C GLY B 142 -19.38 11.67 -31.20
N ARG B 143 -20.12 10.71 -31.74
CA ARG B 143 -21.04 10.98 -32.85
C ARG B 143 -22.30 11.65 -32.36
N ASP B 144 -22.80 11.23 -31.20
CA ASP B 144 -24.12 11.66 -30.73
C ASP B 144 -24.31 11.41 -29.22
N GLU B 145 -25.49 11.76 -28.73
CA GLU B 145 -25.89 11.54 -27.33
C GLU B 145 -25.68 10.09 -26.88
N GLN B 146 -26.13 9.15 -27.70
CA GLN B 146 -25.98 7.72 -27.47
C GLN B 146 -24.51 7.35 -27.28
N SER B 147 -23.68 7.67 -28.27
CA SER B 147 -22.27 7.26 -28.28
C SER B 147 -21.41 7.88 -27.18
N ILE B 148 -21.71 9.12 -26.81
CA ILE B 148 -21.01 9.83 -25.73
C ILE B 148 -21.34 9.22 -24.37
N ALA B 149 -22.62 8.99 -24.10
CA ALA B 149 -23.06 8.39 -22.85
C ALA B 149 -22.46 6.98 -22.61
N GLU B 150 -22.34 6.20 -23.69
CA GLU B 150 -21.68 4.90 -23.64
C GLU B 150 -20.26 5.01 -23.10
N ALA B 151 -19.51 5.99 -23.59
CA ALA B 151 -18.13 6.23 -23.13
C ALA B 151 -18.06 6.69 -21.66
N ILE B 152 -19.02 7.50 -21.25
CA ILE B 152 -19.11 8.00 -19.86
C ILE B 152 -19.39 6.84 -18.88
N ILE B 153 -20.30 5.95 -19.24
CA ILE B 153 -20.63 4.79 -18.39
C ILE B 153 -19.42 3.87 -18.21
N VAL B 154 -18.69 3.61 -19.29
CA VAL B 154 -17.46 2.82 -19.19
C VAL B 154 -16.42 3.50 -18.30
N ALA B 155 -16.22 4.81 -18.43
CA ALA B 155 -15.26 5.55 -17.58
C ALA B 155 -15.67 5.55 -16.09
N MET B 156 -16.95 5.69 -15.82
CA MET B 156 -17.46 5.67 -14.45
C MET B 156 -17.29 4.33 -13.75
N VAL B 157 -17.53 3.25 -14.48
CA VAL B 157 -17.35 1.91 -13.91
C VAL B 157 -15.86 1.65 -13.70
N PHE B 158 -15.07 1.97 -14.73
CA PHE B 158 -13.62 1.84 -14.68
C PHE B 158 -12.98 2.60 -13.52
N SER B 159 -13.53 3.76 -13.17
CA SER B 159 -13.00 4.57 -12.08
C SER B 159 -13.09 3.92 -10.69
N GLN B 160 -14.01 2.97 -10.53
CA GLN B 160 -14.20 2.21 -9.30
C GLN B 160 -14.75 3.06 -8.14
N GLU B 161 -15.39 4.18 -8.44
CA GLU B 161 -15.88 5.08 -7.40
C GLU B 161 -17.00 4.47 -6.59
N ASP B 162 -17.10 4.92 -5.34
CA ASP B 162 -18.09 4.36 -4.44
C ASP B 162 -19.49 4.76 -4.86
N CYS B 163 -19.65 5.95 -5.46
CA CYS B 163 -20.97 6.41 -5.88
C CYS B 163 -21.51 5.56 -7.01
N MET B 164 -20.60 5.07 -7.85
CA MET B 164 -20.97 4.13 -8.90
C MET B 164 -21.42 2.79 -8.28
N ILE B 165 -20.67 2.28 -7.30
CA ILE B 165 -21.02 1.03 -6.59
C ILE B 165 -22.36 1.15 -5.84
N LYS B 166 -22.56 2.30 -5.18
CA LYS B 166 -23.77 2.61 -4.41
C LYS B 166 -25.04 2.77 -5.28
N ALA B 167 -24.87 3.24 -6.50
CA ALA B 167 -26.00 3.41 -7.46
C ALA B 167 -26.54 2.09 -8.09
N VAL B 168 -25.96 0.96 -7.72
CA VAL B 168 -26.46 -0.34 -8.16
C VAL B 168 -27.80 -0.65 -7.50
N ARG B 169 -28.75 -1.14 -8.30
CA ARG B 169 -30.09 -1.50 -7.84
C ARG B 169 -30.36 -2.99 -8.08
N GLY B 170 -30.72 -3.70 -7.02
CA GLY B 170 -30.97 -5.14 -7.10
C GLY B 170 -29.72 -5.93 -7.38
N ASP B 171 -29.90 -7.22 -7.58
CA ASP B 171 -28.78 -8.13 -7.68
C ASP B 171 -28.13 -8.15 -9.07
N LEU B 172 -26.86 -8.54 -9.07
CA LEU B 172 -26.07 -8.73 -10.27
C LEU B 172 -25.72 -10.24 -10.39
N ASN B 173 -26.42 -10.93 -11.31
CA ASN B 173 -26.09 -12.32 -11.67
C ASN B 173 -26.08 -12.46 -13.20
N PHE B 174 -25.41 -11.55 -13.90
CA PHE B 174 -25.21 -11.65 -15.36
C PHE B 174 -24.29 -12.83 -15.67
N VAL B 175 -24.58 -13.54 -16.77
CA VAL B 175 -23.83 -14.74 -17.20
C VAL B 175 -23.33 -14.59 -18.60
N ASN B 176 -22.26 -15.31 -18.92
CA ASN B 176 -21.81 -15.48 -20.30
C ASN B 176 -22.64 -16.61 -20.98
N ARG B 177 -22.43 -16.80 -22.29
CA ARG B 177 -23.06 -17.90 -23.08
C ARG B 177 -22.85 -19.34 -22.54
N ALA B 178 -21.81 -19.55 -21.72
CA ALA B 178 -21.49 -20.81 -21.10
C ALA B 178 -22.09 -21.02 -19.70
N ASN B 179 -23.05 -20.17 -19.31
CA ASN B 179 -23.69 -20.22 -17.99
C ASN B 179 -22.77 -19.96 -16.78
N GLN B 180 -21.64 -19.29 -17.00
CA GLN B 180 -20.65 -18.97 -15.95
C GLN B 180 -20.84 -17.48 -15.59
N ARG B 181 -20.71 -17.13 -14.31
CA ARG B 181 -20.97 -15.73 -13.89
C ARG B 181 -19.90 -14.81 -14.46
N LEU B 182 -20.29 -13.64 -14.93
CA LEU B 182 -19.33 -12.59 -15.26
C LEU B 182 -18.64 -12.12 -13.99
N ASN B 183 -17.36 -11.79 -14.09
CA ASN B 183 -16.61 -11.20 -12.97
C ASN B 183 -17.08 -9.74 -12.68
N PRO B 184 -16.90 -9.29 -11.41
CA PRO B 184 -17.52 -8.08 -10.85
C PRO B 184 -17.50 -6.79 -11.67
N MET B 185 -16.38 -6.46 -12.30
CA MET B 185 -16.30 -5.21 -13.07
C MET B 185 -17.26 -5.27 -14.28
N HIS B 186 -17.33 -6.41 -14.95
CA HIS B 186 -18.29 -6.61 -16.06
C HIS B 186 -19.75 -6.72 -15.59
N GLN B 187 -19.98 -7.27 -14.41
CA GLN B 187 -21.29 -7.30 -13.76
C GLN B 187 -21.81 -5.87 -13.64
N LEU B 188 -20.97 -5.01 -13.08
CA LEU B 188 -21.30 -3.60 -12.94
C LEU B 188 -21.57 -2.97 -14.29
N LEU B 189 -20.73 -3.25 -15.27
CA LEU B 189 -20.84 -2.60 -16.57
C LEU B 189 -22.15 -2.93 -17.32
N ARG B 190 -22.55 -4.20 -17.34
CA ARG B 190 -23.83 -4.59 -17.96
C ARG B 190 -25.02 -4.02 -17.22
N HIS B 191 -24.94 -3.92 -15.91
CA HIS B 191 -25.99 -3.30 -15.17
C HIS B 191 -26.21 -1.84 -15.61
N PHE B 192 -25.17 -1.02 -15.52
CA PHE B 192 -25.27 0.39 -15.89
C PHE B 192 -25.46 0.60 -17.40
N GLN B 193 -25.10 -0.40 -18.22
CA GLN B 193 -25.45 -0.41 -19.67
C GLN B 193 -26.94 -0.65 -19.93
N LYS B 194 -27.60 -1.43 -19.09
CA LYS B 194 -29.07 -1.55 -19.15
C LYS B 194 -29.74 -0.26 -18.74
N ASP B 195 -29.18 0.46 -17.77
CA ASP B 195 -29.75 1.75 -17.32
C ASP B 195 -28.75 2.56 -16.49
N ALA B 196 -28.37 3.73 -16.98
CA ALA B 196 -27.36 4.56 -16.32
C ALA B 196 -27.97 5.79 -15.61
N LYS B 197 -29.23 5.71 -15.22
CA LYS B 197 -29.97 6.90 -14.75
C LYS B 197 -29.63 7.15 -13.28
N VAL B 198 -29.82 6.13 -12.47
CA VAL B 198 -29.42 6.15 -11.07
C VAL B 198 -27.92 6.50 -10.97
N LEU B 199 -27.11 5.93 -11.85
CA LEU B 199 -25.68 6.23 -11.90
C LEU B 199 -25.39 7.71 -12.09
N PHE B 200 -26.00 8.29 -13.12
CA PHE B 200 -25.74 9.69 -13.50
C PHE B 200 -26.34 10.65 -12.49
N GLN B 201 -27.54 10.35 -12.00
CA GLN B 201 -28.18 11.15 -10.96
C GLN B 201 -27.27 11.19 -9.75
N ASN B 202 -26.88 10.02 -9.27
CA ASN B 202 -26.09 9.92 -8.04
C ASN B 202 -24.59 10.32 -8.14
N TRP B 203 -24.05 10.51 -9.34
CA TRP B 203 -22.61 10.78 -9.52
C TRP B 203 -22.13 12.08 -8.93
N GLY B 204 -22.86 13.16 -9.23
CA GLY B 204 -22.55 14.50 -8.74
C GLY B 204 -22.29 15.53 -9.82
N ILE B 205 -22.58 16.77 -9.47
CA ILE B 205 -22.66 17.89 -10.41
C ILE B 205 -21.71 18.98 -9.95
N GLU B 206 -21.22 19.80 -10.85
CA GLU B 206 -20.28 20.88 -10.49
C GLU B 206 -20.24 22.06 -11.50
N HIS B 207 -19.87 23.25 -10.99
CA HIS B 207 -19.76 24.46 -11.81
C HIS B 207 -18.52 24.39 -12.69
N ILE B 208 -18.61 24.97 -13.89
CA ILE B 208 -17.49 24.99 -14.82
C ILE B 208 -17.31 26.36 -15.46
N ASP B 209 -16.08 26.65 -15.87
CA ASP B 209 -15.76 27.80 -16.73
C ASP B 209 -15.64 27.27 -18.15
N ASN B 210 -16.18 27.99 -19.13
CA ASN B 210 -16.08 27.55 -20.54
C ASN B 210 -14.68 27.76 -21.10
N VAL B 211 -13.83 26.73 -21.00
CA VAL B 211 -12.64 26.64 -21.85
C VAL B 211 -13.19 26.25 -23.23
N MET B 212 -12.92 27.11 -24.22
CA MET B 212 -13.62 27.04 -25.51
C MET B 212 -13.18 25.81 -26.29
N GLY B 213 -14.14 25.15 -26.92
CA GLY B 213 -13.98 23.78 -27.42
C GLY B 213 -14.68 22.76 -26.55
N MET B 214 -14.71 23.00 -25.23
CA MET B 214 -15.27 22.08 -24.24
C MET B 214 -16.56 22.61 -23.57
N VAL B 215 -17.42 21.68 -23.16
CA VAL B 215 -18.78 21.99 -22.69
C VAL B 215 -19.16 21.01 -21.56
N GLY B 216 -20.16 21.36 -20.78
CA GLY B 216 -20.66 20.50 -19.73
C GLY B 216 -21.72 19.53 -20.24
N VAL B 217 -22.01 18.52 -19.43
CA VAL B 217 -23.10 17.60 -19.71
C VAL B 217 -23.75 17.17 -18.39
N LEU B 218 -25.08 17.24 -18.37
CA LEU B 218 -25.87 16.98 -17.16
C LEU B 218 -26.29 15.51 -17.12
N PRO B 219 -26.82 15.02 -15.97
CA PRO B 219 -27.29 13.63 -15.87
C PRO B 219 -28.38 13.19 -16.87
N ASP B 220 -29.12 14.12 -17.46
CA ASP B 220 -30.05 13.80 -18.57
C ASP B 220 -29.40 13.92 -19.96
N MET B 221 -28.08 14.09 -20.03
CA MET B 221 -27.29 14.28 -21.26
C MET B 221 -27.47 15.63 -21.98
N THR B 222 -28.14 16.58 -21.33
CA THR B 222 -28.32 17.91 -21.85
C THR B 222 -27.02 18.70 -21.70
N PRO B 223 -26.52 19.30 -22.80
CA PRO B 223 -25.32 20.14 -22.65
C PRO B 223 -25.54 21.37 -21.75
N SER B 224 -24.46 21.96 -21.29
CA SER B 224 -24.53 23.19 -20.51
C SER B 224 -23.17 23.89 -20.51
N THR B 225 -23.22 25.21 -20.33
CA THR B 225 -22.03 26.01 -20.17
C THR B 225 -21.74 26.33 -18.69
N GLU B 226 -22.74 26.06 -17.84
CA GLU B 226 -22.78 26.48 -16.45
C GLU B 226 -22.28 25.33 -15.55
N MET B 227 -22.93 24.18 -15.70
CA MET B 227 -22.62 23.00 -14.90
C MET B 227 -22.30 21.75 -15.74
N SER B 228 -21.70 20.78 -15.06
CA SER B 228 -21.42 19.48 -15.67
C SER B 228 -21.36 18.41 -14.59
N MET B 229 -21.49 17.16 -15.03
CA MET B 229 -21.25 16.01 -14.16
C MET B 229 -19.78 16.04 -13.71
N ARG B 230 -19.57 15.86 -12.39
CA ARG B 230 -18.25 15.97 -11.77
C ARG B 230 -17.13 15.28 -12.57
N GLY B 231 -16.15 16.06 -13.04
CA GLY B 231 -15.03 15.54 -13.80
C GLY B 231 -15.23 15.44 -15.30
N ILE B 232 -16.48 15.46 -15.77
CA ILE B 232 -16.78 15.14 -17.16
C ILE B 232 -17.03 16.37 -18.03
N ARG B 233 -16.31 16.47 -19.14
CA ARG B 233 -16.53 17.52 -20.14
C ARG B 233 -16.60 16.91 -21.54
N VAL B 234 -17.58 17.33 -22.33
CA VAL B 234 -17.68 16.92 -23.74
C VAL B 234 -16.80 17.87 -24.56
N SER B 235 -16.25 17.36 -25.66
CA SER B 235 -15.40 18.13 -26.56
C SER B 235 -15.69 17.76 -28.02
N LYS B 236 -15.03 18.47 -28.94
CA LYS B 236 -15.26 18.38 -30.38
C LYS B 236 -14.19 17.60 -31.17
N MET B 237 -13.02 17.31 -30.57
CA MET B 237 -12.00 16.49 -31.27
C MET B 237 -10.96 15.90 -30.30
N GLY B 238 -11.23 14.70 -29.77
CA GLY B 238 -10.27 13.98 -28.91
C GLY B 238 -9.12 13.40 -29.74
N VAL B 239 -7.91 13.91 -29.58
CA VAL B 239 -6.73 13.38 -30.33
C VAL B 239 -6.21 12.15 -29.57
N SER B 243 -1.50 7.22 -31.83
CA SER B 243 -0.58 6.47 -30.98
C SER B 243 -0.19 5.15 -31.67
N SER B 244 1.10 4.93 -31.86
CA SER B 244 1.57 3.73 -32.57
C SER B 244 1.53 2.50 -31.68
N THR B 245 1.49 1.33 -32.33
CA THR B 245 1.42 0.02 -31.67
C THR B 245 2.77 -0.42 -31.07
N GLU B 246 2.74 -0.87 -29.80
CA GLU B 246 3.86 -1.59 -29.19
C GLU B 246 3.42 -3.02 -28.90
N ARG B 247 3.97 -4.00 -29.62
CA ARG B 247 3.64 -5.40 -29.44
C ARG B 247 4.44 -6.05 -28.30
N VAL B 248 3.73 -6.77 -27.42
CA VAL B 248 4.32 -7.44 -26.27
C VAL B 248 3.79 -8.87 -26.05
N VAL B 249 4.56 -9.67 -25.32
CA VAL B 249 4.19 -11.03 -25.00
C VAL B 249 3.15 -10.96 -23.90
N VAL B 250 2.10 -11.75 -24.04
CA VAL B 250 0.98 -11.79 -23.11
C VAL B 250 0.69 -13.25 -22.81
N SER B 251 -0.18 -13.52 -21.86
CA SER B 251 -0.47 -14.91 -21.47
C SER B 251 -1.94 -15.22 -21.74
N ILE B 252 -2.25 -16.51 -21.84
CA ILE B 252 -3.63 -16.94 -22.04
C ILE B 252 -3.91 -18.13 -21.13
N ASP B 253 -5.17 -18.29 -20.73
CA ASP B 253 -5.58 -19.44 -19.91
C ASP B 253 -6.68 -20.25 -20.61
N ARG B 254 -7.15 -21.29 -19.93
CA ARG B 254 -8.28 -22.12 -20.34
C ARG B 254 -9.50 -21.37 -20.88
N PHE B 255 -9.94 -20.34 -20.19
CA PHE B 255 -11.15 -19.60 -20.61
C PHE B 255 -10.90 -18.37 -21.53
N LEU B 256 -9.75 -18.35 -22.21
CA LEU B 256 -9.41 -17.34 -23.20
C LEU B 256 -9.33 -15.94 -22.60
N ARG B 257 -8.86 -15.86 -21.36
CA ARG B 257 -8.60 -14.59 -20.73
C ARG B 257 -7.12 -14.27 -20.99
N VAL B 258 -6.88 -13.18 -21.74
CA VAL B 258 -5.52 -12.76 -22.08
C VAL B 258 -5.05 -11.79 -21.03
N ARG B 259 -3.89 -12.06 -20.42
CA ARG B 259 -3.37 -11.25 -19.34
C ARG B 259 -1.97 -10.69 -19.61
N ASP B 260 -1.73 -9.52 -19.01
CA ASP B 260 -0.40 -8.91 -18.97
C ASP B 260 0.42 -9.62 -17.88
N GLN B 261 1.66 -9.17 -17.64
CA GLN B 261 2.55 -9.90 -16.73
C GLN B 261 2.15 -9.65 -15.25
N ARG B 262 1.35 -8.62 -15.01
CA ARG B 262 0.79 -8.33 -13.68
C ARG B 262 -0.57 -9.02 -13.42
N GLY B 263 -1.11 -9.71 -14.40
CA GLY B 263 -2.37 -10.42 -14.21
C GLY B 263 -3.62 -9.62 -14.48
N ASN B 264 -3.49 -8.40 -15.02
CA ASN B 264 -4.66 -7.63 -15.48
C ASN B 264 -5.14 -8.28 -16.75
N VAL B 265 -6.44 -8.54 -16.85
CA VAL B 265 -7.06 -9.12 -18.05
C VAL B 265 -7.12 -8.08 -19.19
N LEU B 266 -6.32 -8.28 -20.23
CA LEU B 266 -6.30 -7.41 -21.39
C LEU B 266 -7.51 -7.63 -22.30
N LEU B 267 -7.83 -8.91 -22.52
CA LEU B 267 -8.90 -9.33 -23.42
C LEU B 267 -9.64 -10.56 -22.91
N SER B 268 -10.85 -10.76 -23.42
CA SER B 268 -11.65 -11.97 -23.16
C SER B 268 -12.77 -12.15 -24.15
N PRO B 269 -13.37 -13.37 -24.22
CA PRO B 269 -14.65 -13.55 -24.92
C PRO B 269 -15.65 -12.43 -24.69
N GLU B 270 -15.76 -11.96 -23.45
CA GLU B 270 -16.69 -10.89 -23.05
C GLU B 270 -16.47 -9.51 -23.73
N GLU B 271 -15.27 -9.28 -24.27
CA GLU B 271 -14.98 -8.04 -25.00
C GLU B 271 -14.90 -8.24 -26.52
N VAL B 272 -15.45 -9.34 -27.03
CA VAL B 272 -15.48 -9.61 -28.46
C VAL B 272 -16.86 -9.20 -28.96
N SER B 273 -16.87 -8.41 -30.03
CA SER B 273 -18.08 -7.81 -30.61
C SER B 273 -19.06 -8.89 -31.07
N GLU B 274 -20.36 -8.64 -30.86
CA GLU B 274 -21.43 -9.57 -31.26
C GLU B 274 -21.81 -9.46 -32.74
N THR B 275 -21.26 -8.48 -33.46
CA THR B 275 -21.59 -8.27 -34.87
C THR B 275 -21.24 -9.49 -35.74
N HIS B 276 -22.29 -10.09 -36.31
CA HIS B 276 -22.13 -11.05 -37.39
C HIS B 276 -21.88 -10.22 -38.64
N GLY B 277 -21.09 -10.77 -39.56
CA GLY B 277 -20.85 -10.13 -40.86
C GLY B 277 -20.52 -11.21 -41.87
N THR B 278 -20.71 -10.91 -43.14
CA THR B 278 -20.43 -11.90 -44.17
C THR B 278 -19.04 -11.68 -44.77
N GLU B 279 -18.17 -12.64 -44.49
CA GLU B 279 -16.80 -12.78 -45.02
C GLU B 279 -16.65 -12.39 -46.50
N ARG B 280 -15.52 -11.79 -46.85
CA ARG B 280 -15.20 -11.45 -48.25
C ARG B 280 -14.36 -12.54 -48.96
N LEU B 281 -13.48 -13.23 -48.22
CA LEU B 281 -12.79 -14.43 -48.72
C LEU B 281 -13.37 -15.68 -48.05
N THR B 282 -13.57 -16.76 -48.81
CA THR B 282 -14.25 -17.94 -48.26
C THR B 282 -13.52 -18.50 -47.04
N ILE B 283 -14.30 -18.84 -46.01
CA ILE B 283 -13.80 -19.36 -44.76
C ILE B 283 -14.25 -20.82 -44.67
N THR B 284 -13.27 -21.73 -44.58
CA THR B 284 -13.55 -23.16 -44.41
C THR B 284 -13.06 -23.64 -43.02
N TYR B 285 -14.00 -24.15 -42.21
CA TYR B 285 -13.73 -24.64 -40.83
C TYR B 285 -13.43 -26.17 -40.81
N SER B 286 -13.56 -26.80 -39.64
CA SER B 286 -12.79 -28.01 -39.28
C SER B 286 -12.66 -29.14 -40.34
N SER B 287 -11.85 -28.85 -41.38
CA SER B 287 -11.48 -29.80 -42.43
C SER B 287 -9.98 -29.66 -42.69
N SER B 288 -9.53 -29.73 -43.94
CA SER B 288 -8.09 -29.85 -44.24
C SER B 288 -7.32 -28.59 -43.88
N ASN C 6 0.83 -47.82 -15.17
CA ASN C 6 0.58 -46.60 -14.36
C ASN C 6 1.91 -46.01 -13.94
N ASP C 7 2.75 -46.81 -13.31
CA ASP C 7 4.07 -46.38 -12.85
C ASP C 7 5.04 -46.07 -14.01
N ASP C 8 4.99 -46.88 -15.08
CA ASP C 8 5.88 -46.69 -16.23
C ASP C 8 5.48 -45.53 -17.15
N ILE C 9 4.18 -45.27 -17.27
CA ILE C 9 3.66 -44.15 -18.08
C ILE C 9 4.08 -42.81 -17.46
N ASP C 10 3.98 -42.73 -16.13
CA ASP C 10 4.37 -41.54 -15.38
C ASP C 10 5.86 -41.22 -15.56
N GLN C 11 6.71 -42.22 -15.32
CA GLN C 11 8.15 -42.07 -15.54
C GLN C 11 8.47 -41.59 -16.97
N SER C 12 7.76 -42.14 -17.94
CA SER C 12 8.02 -41.88 -19.34
C SER C 12 7.46 -40.52 -19.80
N LEU C 13 6.29 -40.15 -19.26
CA LEU C 13 5.65 -38.85 -19.55
C LEU C 13 6.52 -37.66 -19.11
N ILE C 14 7.13 -37.80 -17.93
CA ILE C 14 8.03 -36.80 -17.38
C ILE C 14 9.23 -36.61 -18.29
N ILE C 15 9.85 -37.72 -18.69
CA ILE C 15 10.98 -37.69 -19.62
C ILE C 15 10.63 -37.00 -20.94
N ALA C 16 9.44 -37.30 -21.48
CA ALA C 16 9.02 -36.71 -22.74
C ALA C 16 8.73 -35.21 -22.57
N ALA C 17 8.04 -34.84 -21.49
CA ALA C 17 7.70 -33.42 -21.22
C ALA C 17 8.95 -32.55 -21.01
N ARG C 18 9.90 -33.07 -20.26
CA ARG C 18 11.16 -32.36 -20.02
C ARG C 18 11.94 -32.15 -21.30
N ASN C 19 12.00 -33.17 -22.15
CA ASN C 19 12.63 -33.02 -23.45
C ASN C 19 11.96 -31.94 -24.30
N ILE C 20 10.63 -31.92 -24.29
CA ILE C 20 9.84 -30.99 -25.10
C ILE C 20 10.04 -29.53 -24.66
N VAL C 21 10.04 -29.30 -23.35
CA VAL C 21 10.20 -27.97 -22.80
C VAL C 21 11.63 -27.48 -23.06
N ARG C 22 12.61 -28.38 -22.93
CA ARG C 22 13.98 -28.01 -23.26
C ARG C 22 14.16 -27.63 -24.74
N ARG C 23 13.53 -28.38 -25.64
CA ARG C 23 13.64 -28.08 -27.08
C ARG C 23 12.86 -26.83 -27.45
N ALA C 24 11.68 -26.65 -26.87
CA ALA C 24 10.82 -25.49 -27.15
C ALA C 24 11.46 -24.19 -26.68
N SER C 25 12.06 -24.25 -25.49
CA SER C 25 12.63 -23.07 -24.84
C SER C 25 13.67 -22.34 -25.69
N VAL C 26 14.33 -23.05 -26.62
CA VAL C 26 15.39 -22.47 -27.46
C VAL C 26 14.81 -21.81 -28.72
N SER C 27 13.52 -22.06 -28.98
CA SER C 27 12.85 -21.51 -30.14
C SER C 27 12.41 -20.07 -29.87
N ALA C 28 12.21 -19.34 -30.96
CA ALA C 28 11.79 -17.93 -30.92
C ALA C 28 10.41 -17.75 -30.29
N ASP C 29 9.46 -18.62 -30.69
CA ASP C 29 8.14 -18.78 -30.05
C ASP C 29 8.05 -20.23 -29.39
N PRO C 30 8.54 -20.42 -28.16
CA PRO C 30 8.49 -21.71 -27.51
C PRO C 30 7.10 -22.33 -27.31
N LEU C 31 6.10 -21.50 -26.99
CA LEU C 31 4.72 -22.02 -26.76
C LEU C 31 4.26 -22.80 -27.99
N ALA C 32 4.46 -22.19 -29.17
CA ALA C 32 4.05 -22.82 -30.42
C ALA C 32 4.85 -24.10 -30.70
N SER C 33 6.16 -24.10 -30.41
CA SER C 33 6.98 -25.28 -30.56
C SER C 33 6.49 -26.40 -29.66
N LEU C 34 6.20 -26.08 -28.40
CA LEU C 34 5.76 -27.08 -27.43
C LEU C 34 4.43 -27.64 -27.84
N LEU C 35 3.53 -26.79 -28.28
CA LEU C 35 2.24 -27.25 -28.75
C LEU C 35 2.36 -28.17 -29.96
N GLU C 36 3.35 -27.96 -30.83
CA GLU C 36 3.58 -28.85 -31.97
C GLU C 36 4.01 -30.24 -31.51
N MET C 37 5.01 -30.27 -30.62
CA MET C 37 5.61 -31.52 -30.19
C MET C 37 4.64 -32.35 -29.35
N CYS C 38 3.82 -31.68 -28.54
CA CYS C 38 2.85 -32.41 -27.73
C CYS C 38 1.78 -33.11 -28.59
N HIS C 39 1.33 -32.42 -29.64
N HIS C 39 1.33 -32.42 -29.64
CA HIS C 39 0.34 -32.96 -30.57
CA HIS C 39 0.32 -32.95 -30.57
C HIS C 39 0.86 -33.98 -31.56
C HIS C 39 0.86 -33.98 -31.56
N SER C 40 2.18 -34.03 -31.78
CA SER C 40 2.80 -35.04 -32.64
C SER C 40 3.83 -35.93 -31.88
N THR C 41 3.54 -36.28 -30.63
CA THR C 41 4.36 -37.20 -29.84
C THR C 41 3.50 -38.32 -29.26
N GLN C 42 4.01 -39.54 -29.36
CA GLN C 42 3.36 -40.69 -28.74
C GLN C 42 4.28 -41.28 -27.69
N ILE C 43 3.68 -41.83 -26.64
CA ILE C 43 4.39 -42.51 -25.54
C ILE C 43 3.77 -43.90 -25.42
N GLY C 44 4.60 -44.95 -25.62
CA GLY C 44 4.12 -46.32 -25.71
C GLY C 44 2.96 -46.56 -26.69
N GLY C 45 2.93 -45.82 -27.79
CA GLY C 45 1.86 -45.96 -28.79
C GLY C 45 0.63 -45.07 -28.60
N THR C 46 0.36 -44.63 -27.36
CA THR C 46 -0.68 -43.62 -27.09
C THR C 46 -0.22 -42.17 -27.31
N ARG C 47 -1.13 -41.32 -27.76
CA ARG C 47 -0.85 -39.91 -28.00
C ARG C 47 -0.61 -39.19 -26.69
N MET C 48 0.37 -38.27 -26.68
CA MET C 48 0.76 -37.56 -25.46
C MET C 48 -0.32 -36.63 -24.94
N VAL C 49 -1.12 -36.02 -25.82
CA VAL C 49 -2.22 -35.16 -25.35
C VAL C 49 -3.29 -35.98 -24.64
N ASP C 50 -3.50 -37.20 -25.10
CA ASP C 50 -4.45 -38.10 -24.42
C ASP C 50 -3.93 -38.56 -23.07
N ILE C 51 -2.62 -38.72 -22.92
CA ILE C 51 -2.04 -39.02 -21.62
C ILE C 51 -2.15 -37.82 -20.68
N LEU C 52 -1.95 -36.61 -21.21
CA LEU C 52 -2.01 -35.38 -20.41
C LEU C 52 -3.40 -35.13 -19.86
N ARG C 53 -4.41 -35.35 -20.69
CA ARG C 53 -5.81 -35.25 -20.28
C ARG C 53 -6.22 -36.21 -19.16
N GLN C 54 -5.63 -37.41 -19.08
CA GLN C 54 -6.02 -38.43 -18.07
C GLN C 54 -5.05 -38.59 -16.87
N ASN C 55 -3.75 -38.39 -17.09
CA ASN C 55 -2.71 -38.71 -16.09
C ASN C 55 -2.62 -37.62 -15.02
N PRO C 56 -2.65 -38.00 -13.71
CA PRO C 56 -2.62 -37.00 -12.63
C PRO C 56 -1.25 -36.53 -12.13
N THR C 57 -0.15 -36.95 -12.77
CA THR C 57 1.21 -36.53 -12.33
C THR C 57 1.38 -35.01 -12.28
N GLU C 58 1.84 -34.49 -11.15
CA GLU C 58 2.21 -33.08 -11.04
C GLU C 58 3.74 -33.00 -11.04
N GLU C 59 4.30 -32.59 -12.16
CA GLU C 59 5.74 -32.37 -12.32
C GLU C 59 5.89 -31.08 -13.14
N GLN C 60 7.05 -30.41 -13.02
CA GLN C 60 7.20 -29.06 -13.59
C GLN C 60 7.08 -29.01 -15.12
N ALA C 61 7.76 -29.91 -15.82
CA ALA C 61 7.65 -29.98 -17.29
C ALA C 61 6.29 -30.45 -17.71
N VAL C 62 5.79 -31.46 -17.03
CA VAL C 62 4.48 -32.00 -17.36
C VAL C 62 3.39 -30.95 -17.18
N ASP C 63 3.42 -30.25 -16.05
CA ASP C 63 2.40 -29.21 -15.78
C ASP C 63 2.45 -27.99 -16.72
N ILE C 64 3.65 -27.64 -17.21
CA ILE C 64 3.79 -26.65 -18.30
C ILE C 64 3.03 -27.08 -19.55
N CYS C 65 3.17 -28.35 -19.94
CA CYS C 65 2.44 -28.88 -21.09
C CYS C 65 0.92 -28.91 -20.86
N LYS C 66 0.49 -29.27 -19.67
CA LYS C 66 -0.94 -29.29 -19.34
C LYS C 66 -1.55 -27.90 -19.46
N ALA C 67 -0.87 -26.92 -18.87
CA ALA C 67 -1.24 -25.51 -18.96
C ALA C 67 -1.37 -25.02 -20.40
N ALA C 68 -0.40 -25.43 -21.24
CA ALA C 68 -0.37 -25.12 -22.66
C ALA C 68 -1.65 -25.46 -23.40
N MET C 69 -2.32 -26.52 -22.98
CA MET C 69 -3.58 -26.95 -23.58
C MET C 69 -4.79 -26.75 -22.65
N GLY C 70 -4.66 -25.81 -21.71
CA GLY C 70 -5.76 -25.37 -20.86
C GLY C 70 -6.21 -26.32 -19.78
N LEU C 71 -5.37 -27.29 -19.44
CA LEU C 71 -5.74 -28.24 -18.41
C LEU C 71 -5.48 -27.62 -17.05
N ARG C 72 -6.28 -27.98 -16.06
CA ARG C 72 -6.03 -27.52 -14.69
C ARG C 72 -4.80 -28.20 -14.11
N ILE C 73 -4.04 -27.46 -13.30
CA ILE C 73 -2.85 -27.97 -12.62
C ILE C 73 -2.81 -27.56 -11.15
N SER C 74 -1.95 -28.21 -10.39
CA SER C 74 -1.68 -27.85 -8.99
C SER C 74 -1.39 -26.36 -8.88
N SER C 75 -1.92 -25.73 -7.83
CA SER C 75 -1.75 -24.31 -7.57
C SER C 75 -0.39 -23.96 -6.91
N SER C 76 0.35 -24.96 -6.47
CA SER C 76 1.71 -24.72 -6.03
C SER C 76 2.63 -24.07 -7.10
N PHE C 77 3.79 -23.60 -6.65
CA PHE C 77 4.79 -23.03 -7.56
C PHE C 77 6.17 -23.55 -7.21
N SER C 78 7.08 -23.40 -8.15
CA SER C 78 8.39 -24.00 -8.03
C SER C 78 9.46 -22.91 -8.01
N PHE C 79 10.25 -22.89 -6.94
CA PHE C 79 11.41 -22.00 -6.86
C PHE C 79 12.59 -22.79 -6.32
N GLY C 80 13.72 -22.74 -7.03
CA GLY C 80 14.95 -23.42 -6.63
C GLY C 80 14.86 -24.94 -6.64
N GLY C 81 14.00 -25.47 -7.50
CA GLY C 81 13.66 -26.87 -7.45
C GLY C 81 12.58 -27.28 -6.46
N PHE C 82 12.27 -26.46 -5.46
CA PHE C 82 11.33 -26.84 -4.40
C PHE C 82 9.91 -26.48 -4.77
N THR C 83 8.98 -27.35 -4.41
CA THR C 83 7.56 -27.03 -4.50
C THR C 83 7.13 -26.23 -3.27
N PHE C 84 6.52 -25.05 -3.50
CA PHE C 84 5.96 -24.18 -2.44
C PHE C 84 4.43 -24.30 -2.44
N LYS C 85 3.81 -24.62 -1.29
CA LYS C 85 2.37 -24.40 -1.14
C LYS C 85 2.16 -23.42 -0.01
N ARG C 86 1.37 -22.40 -0.31
CA ARG C 86 0.91 -21.48 0.70
C ARG C 86 -0.10 -22.17 1.61
N THR C 87 0.25 -22.27 2.88
CA THR C 87 -0.61 -22.83 3.90
C THR C 87 -1.43 -21.77 4.63
N SER C 88 -1.04 -20.50 4.51
CA SER C 88 -1.74 -19.40 5.20
C SER C 88 -1.41 -18.00 4.64
N GLY C 89 -2.25 -17.03 4.97
CA GLY C 89 -1.93 -15.62 4.75
C GLY C 89 -2.05 -15.23 3.30
N SER C 90 -1.53 -14.05 3.00
CA SER C 90 -1.67 -13.46 1.66
C SER C 90 -0.66 -12.35 1.49
N SER C 91 -0.58 -11.77 0.30
CA SER C 91 0.25 -10.59 0.04
C SER C 91 -0.21 -9.73 -1.14
N ILE C 92 0.33 -8.53 -1.28
CA ILE C 92 0.17 -7.79 -2.53
C ILE C 92 1.55 -7.52 -3.11
N LYS C 93 1.59 -7.00 -4.34
CA LYS C 93 2.80 -6.91 -5.16
C LYS C 93 3.08 -5.48 -5.54
N ARG C 94 4.34 -5.13 -5.43
CA ARG C 94 4.77 -3.79 -5.62
C ARG C 94 6.13 -3.94 -6.22
N GLU C 95 6.36 -3.31 -7.36
CA GLU C 95 7.67 -3.29 -7.97
C GLU C 95 8.54 -2.20 -7.30
N GLU C 96 9.80 -2.54 -6.98
CA GLU C 96 10.74 -1.64 -6.30
C GLU C 96 12.13 -1.79 -6.90
N GLU C 97 12.95 -0.75 -6.90
CA GLU C 97 14.31 -0.86 -7.42
C GLU C 97 15.13 -1.19 -6.21
N VAL C 98 15.94 -2.23 -6.26
CA VAL C 98 16.93 -2.46 -5.17
C VAL C 98 18.35 -2.33 -5.74
N LEU C 99 19.32 -2.25 -4.82
CA LEU C 99 20.73 -2.04 -5.11
C LEU C 99 21.54 -3.19 -4.47
N THR C 100 22.31 -3.92 -5.27
CA THR C 100 23.13 -5.03 -4.77
C THR C 100 24.35 -4.50 -4.03
N GLY C 101 25.09 -5.40 -3.40
CA GLY C 101 26.41 -5.03 -2.88
C GLY C 101 27.39 -4.54 -3.93
N ASN C 102 27.17 -4.86 -5.22
CA ASN C 102 27.96 -4.27 -6.30
C ASN C 102 27.23 -3.18 -7.07
N LEU C 103 26.33 -2.51 -6.37
CA LEU C 103 25.69 -1.30 -6.84
C LEU C 103 24.94 -1.48 -8.16
N GLN C 104 24.43 -2.68 -8.36
CA GLN C 104 23.61 -2.99 -9.55
C GLN C 104 22.14 -2.84 -9.18
N THR C 105 21.40 -2.05 -9.93
CA THR C 105 19.98 -1.97 -9.74
C THR C 105 19.24 -3.26 -10.11
N LEU C 106 18.22 -3.62 -9.34
CA LEU C 106 17.35 -4.73 -9.73
C LEU C 106 15.94 -4.27 -9.46
N LYS C 107 15.04 -4.48 -10.42
CA LYS C 107 13.62 -4.25 -10.24
C LYS C 107 13.01 -5.57 -9.79
N ILE C 108 12.37 -5.54 -8.63
CA ILE C 108 11.81 -6.74 -8.01
C ILE C 108 10.35 -6.53 -7.68
N ARG C 109 9.53 -7.55 -7.91
CA ARG C 109 8.14 -7.50 -7.45
C ARG C 109 8.13 -7.99 -6.00
N VAL C 110 8.19 -7.02 -5.08
CA VAL C 110 8.19 -7.28 -3.64
C VAL C 110 6.78 -7.63 -3.13
N HIS C 111 6.71 -8.70 -2.35
CA HIS C 111 5.46 -9.14 -1.76
C HIS C 111 5.30 -8.52 -0.37
N GLU C 112 4.12 -7.94 -0.15
CA GLU C 112 3.80 -7.28 1.09
C GLU C 112 2.66 -8.03 1.74
N GLY C 113 2.95 -8.63 2.89
CA GLY C 113 1.96 -9.35 3.68
C GLY C 113 2.63 -10.35 4.59
N TYR C 114 1.81 -11.13 5.29
CA TYR C 114 2.31 -12.21 6.13
C TYR C 114 1.77 -13.48 5.51
N GLU C 115 2.68 -14.38 5.16
CA GLU C 115 2.35 -15.67 4.50
C GLU C 115 3.18 -16.84 5.13
N GLU C 116 2.59 -18.04 5.12
CA GLU C 116 3.25 -19.24 5.61
C GLU C 116 3.18 -20.32 4.52
N PHE C 117 4.31 -20.93 4.21
CA PHE C 117 4.43 -21.96 3.19
C PHE C 117 5.11 -23.22 3.72
N THR C 118 4.87 -24.33 3.03
CA THR C 118 5.72 -25.53 3.10
C THR C 118 6.55 -25.61 1.82
N MET C 119 7.85 -25.87 1.97
CA MET C 119 8.74 -26.16 0.86
C MET C 119 8.98 -27.67 0.83
N VAL C 120 8.92 -28.27 -0.34
CA VAL C 120 9.16 -29.70 -0.51
C VAL C 120 10.09 -29.93 -1.68
N GLY C 121 11.34 -30.30 -1.39
CA GLY C 121 12.30 -30.76 -2.42
C GLY C 121 12.45 -32.26 -2.31
N LYS C 122 13.34 -32.84 -3.10
CA LYS C 122 13.52 -34.31 -3.08
C LYS C 122 14.36 -34.77 -1.89
N ARG C 123 15.26 -33.92 -1.40
CA ARG C 123 16.15 -34.29 -0.31
C ARG C 123 16.03 -33.39 0.92
N ALA C 124 15.02 -32.49 0.94
CA ALA C 124 14.84 -31.54 2.05
C ALA C 124 13.43 -30.96 2.00
N THR C 125 12.81 -30.78 3.17
CA THR C 125 11.54 -30.07 3.25
C THR C 125 11.59 -29.01 4.37
N ALA C 126 10.61 -28.09 4.37
CA ALA C 126 10.66 -26.94 5.28
C ALA C 126 9.31 -26.28 5.47
N ILE C 127 9.17 -25.60 6.60
CA ILE C 127 8.07 -24.67 6.84
C ILE C 127 8.70 -23.29 6.83
N LEU C 128 8.19 -22.42 5.95
CA LEU C 128 8.63 -21.03 5.84
C LEU C 128 7.52 -20.08 6.27
N ARG C 129 7.83 -19.16 7.17
CA ARG C 129 6.97 -18.04 7.55
C ARG C 129 7.71 -16.76 7.20
N LYS C 130 7.00 -15.80 6.63
CA LYS C 130 7.65 -14.58 6.15
C LYS C 130 6.72 -13.42 6.07
N ALA C 131 7.32 -12.24 6.21
CA ALA C 131 6.63 -10.96 6.08
C ALA C 131 7.31 -10.16 4.97
N THR C 132 6.78 -8.96 4.69
CA THR C 132 7.39 -8.06 3.71
C THR C 132 8.90 -7.95 3.88
N ARG C 133 9.65 -8.41 2.88
CA ARG C 133 11.12 -8.41 2.91
C ARG C 133 11.70 -8.91 4.23
N ARG C 134 11.08 -9.94 4.80
CA ARG C 134 11.54 -10.49 6.08
C ARG C 134 11.29 -11.98 6.22
N LEU C 135 12.35 -12.71 6.56
CA LEU C 135 12.20 -14.08 7.02
C LEU C 135 11.80 -14.03 8.49
N VAL C 136 10.66 -14.61 8.81
CA VAL C 136 10.19 -14.66 10.20
C VAL C 136 10.71 -15.94 10.84
N GLN C 137 10.38 -17.08 10.22
CA GLN C 137 10.94 -18.38 10.62
C GLN C 137 11.06 -19.40 9.48
N LEU C 138 12.14 -20.19 9.53
CA LEU C 138 12.33 -21.35 8.64
C LEU C 138 12.68 -22.60 9.47
N ILE C 139 11.76 -23.57 9.53
CA ILE C 139 12.01 -24.88 10.13
C ILE C 139 12.36 -25.81 8.97
N VAL C 140 13.59 -26.31 8.91
CA VAL C 140 14.03 -27.16 7.77
C VAL C 140 14.56 -28.55 8.19
N SER C 141 14.14 -29.59 7.45
CA SER C 141 14.67 -30.97 7.52
C SER C 141 15.48 -31.29 6.25
N GLY C 142 16.33 -32.31 6.32
CA GLY C 142 17.05 -32.76 5.13
C GLY C 142 17.81 -34.07 5.29
N ARG C 143 18.42 -34.52 4.21
CA ARG C 143 19.28 -35.70 4.24
C ARG C 143 20.63 -35.39 4.86
N ASP C 144 21.18 -34.23 4.56
CA ASP C 144 22.56 -33.91 4.92
C ASP C 144 22.83 -32.40 4.89
N GLU C 145 24.08 -32.03 5.20
CA GLU C 145 24.56 -30.64 5.14
C GLU C 145 24.26 -29.97 3.81
N GLN C 146 24.58 -30.66 2.72
CA GLN C 146 24.32 -30.22 1.34
C GLN C 146 22.85 -29.88 1.14
N SER C 147 21.98 -30.85 1.40
CA SER C 147 20.54 -30.71 1.13
C SER C 147 19.82 -29.66 1.97
N ILE C 148 20.26 -29.51 3.22
CA ILE C 148 19.68 -28.50 4.14
C ILE C 148 20.07 -27.09 3.71
N ALA C 149 21.35 -26.87 3.40
CA ALA C 149 21.83 -25.57 2.95
C ALA C 149 21.15 -25.09 1.66
N GLU C 150 20.91 -26.03 0.73
CA GLU C 150 20.14 -25.73 -0.49
C GLU C 150 18.79 -25.12 -0.17
N ALA C 151 18.07 -25.70 0.79
CA ALA C 151 16.75 -25.19 1.20
C ALA C 151 16.83 -23.82 1.89
N ILE C 152 17.88 -23.59 2.67
CA ILE C 152 18.12 -22.31 3.35
C ILE C 152 18.39 -21.19 2.34
N ILE C 153 19.21 -21.47 1.32
CA ILE C 153 19.52 -20.47 0.29
C ILE C 153 18.26 -20.06 -0.49
N VAL C 154 17.43 -21.03 -0.85
CA VAL C 154 16.16 -20.74 -1.51
C VAL C 154 15.24 -19.89 -0.61
N ALA C 155 15.12 -20.22 0.67
CA ALA C 155 14.29 -19.44 1.60
C ALA C 155 14.79 -17.99 1.80
N MET C 156 16.11 -17.83 1.88
CA MET C 156 16.71 -16.51 2.04
C MET C 156 16.49 -15.60 0.83
N VAL C 157 16.59 -16.16 -0.37
CA VAL C 157 16.38 -15.38 -1.58
C VAL C 157 14.89 -15.03 -1.68
N PHE C 158 14.05 -16.04 -1.47
CA PHE C 158 12.60 -15.88 -1.48
C PHE C 158 12.11 -14.81 -0.49
N SER C 159 12.77 -14.69 0.66
CA SER C 159 12.38 -13.70 1.68
C SER C 159 12.52 -12.24 1.24
N GLN C 160 13.39 -11.99 0.26
CA GLN C 160 13.62 -10.67 -0.32
C GLN C 160 14.31 -9.70 0.65
N GLU C 161 15.01 -10.23 1.67
CA GLU C 161 15.65 -9.37 2.66
C GLU C 161 16.78 -8.56 2.08
N ASP C 162 17.02 -7.40 2.70
CA ASP C 162 18.03 -6.50 2.20
C ASP C 162 19.41 -7.06 2.43
N CYS C 163 19.61 -7.85 3.50
CA CYS C 163 20.92 -8.43 3.78
C CYS C 163 21.30 -9.44 2.72
N MET C 164 20.31 -10.14 2.20
CA MET C 164 20.52 -11.04 1.05
C MET C 164 20.92 -10.25 -0.20
N ILE C 165 20.21 -9.15 -0.48
CA ILE C 165 20.53 -8.28 -1.64
C ILE C 165 21.93 -7.65 -1.50
N LYS C 166 22.25 -7.18 -0.29
CA LYS C 166 23.54 -6.56 0.03
C LYS C 166 24.74 -7.51 -0.05
N ALA C 167 24.52 -8.79 0.24
CA ALA C 167 25.58 -9.83 0.18
C ALA C 167 25.98 -10.28 -1.26
N VAL C 168 25.36 -9.69 -2.28
CA VAL C 168 25.73 -9.95 -3.65
C VAL C 168 27.11 -9.35 -3.96
N ARG C 169 27.96 -10.12 -4.62
CA ARG C 169 29.32 -9.69 -4.99
C ARG C 169 29.51 -9.73 -6.51
N GLY C 170 29.83 -8.59 -7.10
CA GLY C 170 29.97 -8.45 -8.55
C GLY C 170 28.66 -8.54 -9.28
N ASP C 171 28.74 -8.55 -10.59
CA ASP C 171 27.56 -8.40 -11.43
C ASP C 171 26.81 -9.70 -11.64
N LEU C 172 25.51 -9.56 -11.91
CA LEU C 172 24.60 -10.66 -12.23
C LEU C 172 24.15 -10.54 -13.69
N ASN C 173 24.70 -11.39 -14.56
CA ASN C 173 24.24 -11.51 -15.97
C ASN C 173 24.09 -12.99 -16.33
N PHE C 174 23.42 -13.77 -15.48
CA PHE C 174 23.09 -15.17 -15.79
C PHE C 174 22.08 -15.24 -16.94
N VAL C 175 22.24 -16.23 -17.83
CA VAL C 175 21.37 -16.41 -19.01
C VAL C 175 20.78 -17.78 -19.06
N ASN C 176 19.63 -17.88 -19.71
CA ASN C 176 19.04 -19.18 -20.06
C ASN C 176 19.71 -19.72 -21.35
N ARG C 177 19.31 -20.91 -21.78
CA ARG C 177 19.80 -21.55 -23.00
C ARG C 177 19.59 -20.74 -24.27
N ALA C 178 18.55 -19.91 -24.26
CA ALA C 178 18.16 -19.07 -25.37
C ALA C 178 18.85 -17.70 -25.43
N ASN C 179 19.92 -17.52 -24.64
CA ASN C 179 20.66 -16.23 -24.55
C ASN C 179 19.85 -15.03 -24.04
N GLN C 180 18.78 -15.29 -23.28
CA GLN C 180 17.92 -14.26 -22.68
C GLN C 180 18.31 -14.16 -21.19
N ARG C 181 18.32 -12.96 -20.63
CA ARG C 181 18.71 -12.79 -19.22
C ARG C 181 17.67 -13.44 -18.32
N LEU C 182 18.10 -14.14 -17.28
CA LEU C 182 17.21 -14.60 -16.23
C LEU C 182 16.65 -13.39 -15.51
N ASN C 183 15.38 -13.49 -15.08
CA ASN C 183 14.73 -12.42 -14.31
C ASN C 183 15.33 -12.34 -12.86
N PRO C 184 15.26 -11.16 -12.21
CA PRO C 184 16.00 -10.83 -11.00
C PRO C 184 16.03 -11.83 -9.83
N MET C 185 14.89 -12.44 -9.52
CA MET C 185 14.85 -13.39 -8.40
C MET C 185 15.73 -14.61 -8.71
N HIS C 186 15.66 -15.12 -9.93
CA HIS C 186 16.53 -16.22 -10.38
C HIS C 186 18.01 -15.84 -10.53
N GLN C 187 18.28 -14.59 -10.93
CA GLN C 187 19.63 -14.04 -10.95
C GLN C 187 20.25 -14.17 -9.57
N LEU C 188 19.51 -13.69 -8.56
CA LEU C 188 19.96 -13.79 -7.20
C LEU C 188 20.19 -15.25 -6.79
N LEU C 189 19.25 -16.12 -7.14
CA LEU C 189 19.30 -17.51 -6.71
C LEU C 189 20.53 -18.29 -7.24
N ARG C 190 20.83 -18.13 -8.54
CA ARG C 190 22.02 -18.77 -9.13
C ARG C 190 23.32 -18.22 -8.56
N HIS C 191 23.33 -16.93 -8.26
CA HIS C 191 24.48 -16.36 -7.62
C HIS C 191 24.78 -17.05 -6.28
N PHE C 192 23.81 -17.02 -5.37
CA PHE C 192 24.00 -17.60 -4.04
C PHE C 192 24.09 -19.13 -4.08
N GLN C 193 23.58 -19.76 -5.16
CA GLN C 193 23.80 -21.22 -5.41
C GLN C 193 25.26 -21.53 -5.82
N LYS C 194 25.91 -20.62 -6.53
CA LYS C 194 27.36 -20.76 -6.77
C LYS C 194 28.16 -20.62 -5.49
N ASP C 195 27.75 -19.74 -4.59
CA ASP C 195 28.43 -19.53 -3.30
C ASP C 195 27.58 -18.77 -2.30
N ALA C 196 27.25 -19.40 -1.17
CA ALA C 196 26.36 -18.80 -0.18
C ALA C 196 27.11 -18.34 1.08
N LYS C 197 28.41 -18.02 0.95
CA LYS C 197 29.26 -17.79 2.12
C LYS C 197 29.05 -16.38 2.64
N VAL C 198 29.21 -15.42 1.75
CA VAL C 198 28.92 -14.02 2.03
C VAL C 198 27.47 -13.89 2.53
N LEU C 199 26.56 -14.60 1.88
CA LEU C 199 25.15 -14.62 2.30
C LEU C 199 24.95 -15.02 3.74
N PHE C 200 25.53 -16.17 4.10
CA PHE C 200 25.35 -16.75 5.44
C PHE C 200 26.09 -15.95 6.50
N GLN C 201 27.30 -15.50 6.17
CA GLN C 201 28.08 -14.65 7.08
C GLN C 201 27.25 -13.40 7.39
N ASN C 202 26.82 -12.71 6.34
CA ASN C 202 26.13 -11.44 6.50
C ASN C 202 24.66 -11.49 6.98
N TRP C 203 24.04 -12.67 7.03
CA TRP C 203 22.61 -12.80 7.38
C TRP C 203 22.27 -12.36 8.80
N GLY C 204 23.03 -12.89 9.75
CA GLY C 204 22.86 -12.59 11.17
C GLY C 204 22.59 -13.79 12.05
N ILE C 205 22.99 -13.65 13.30
CA ILE C 205 23.07 -14.77 14.24
C ILE C 205 22.25 -14.42 15.48
N GLU C 206 21.74 -15.43 16.18
CA GLU C 206 20.91 -15.16 17.37
C GLU C 206 20.88 -16.34 18.39
N HIS C 207 20.64 -16.01 19.66
CA HIS C 207 20.53 -17.00 20.74
C HIS C 207 19.21 -17.74 20.63
N ILE C 208 19.22 -19.02 21.00
CA ILE C 208 18.03 -19.85 20.95
C ILE C 208 17.88 -20.69 22.22
N ASP C 209 16.62 -21.03 22.52
CA ASP C 209 16.27 -22.00 23.57
C ASP C 209 16.01 -23.33 22.88
N ASN C 210 16.51 -24.43 23.45
CA ASN C 210 16.30 -25.76 22.86
C ASN C 210 14.86 -26.25 23.03
N VAL C 211 14.02 -25.96 22.03
CA VAL C 211 12.77 -26.67 21.83
C VAL C 211 13.20 -28.04 21.29
N MET C 212 12.80 -29.10 21.98
CA MET C 212 13.23 -30.46 21.67
C MET C 212 12.65 -30.91 20.33
N GLY C 213 13.50 -31.58 19.54
CA GLY C 213 13.25 -31.79 18.11
C GLY C 213 14.09 -30.88 17.23
N MET C 214 14.32 -29.65 17.69
CA MET C 214 14.93 -28.57 16.88
C MET C 214 16.30 -28.14 17.38
N VAL C 215 17.12 -27.62 16.47
CA VAL C 215 18.53 -27.29 16.72
C VAL C 215 18.90 -26.03 15.90
N GLY C 216 19.99 -25.38 16.28
CA GLY C 216 20.51 -24.24 15.53
C GLY C 216 21.45 -24.66 14.44
N VAL C 217 21.75 -23.73 13.54
CA VAL C 217 22.76 -23.92 12.51
C VAL C 217 23.48 -22.60 12.23
N LEU C 218 24.81 -22.66 12.21
CA LEU C 218 25.67 -21.48 12.07
C LEU C 218 26.01 -21.24 10.59
N PRO C 219 26.59 -20.07 10.25
CA PRO C 219 26.98 -19.80 8.86
C PRO C 219 27.95 -20.77 8.20
N ASP C 220 28.71 -21.55 8.98
CA ASP C 220 29.52 -22.65 8.41
C ASP C 220 28.78 -24.01 8.36
N MET C 221 27.47 -24.01 8.63
CA MET C 221 26.60 -25.21 8.68
C MET C 221 26.81 -26.14 9.89
N THR C 222 27.57 -25.68 10.87
CA THR C 222 27.79 -26.44 12.11
C THR C 222 26.55 -26.31 12.99
N PRO C 223 25.98 -27.44 13.44
CA PRO C 223 24.86 -27.32 14.39
C PRO C 223 25.24 -26.67 15.72
N SER C 224 24.25 -26.23 16.46
CA SER C 224 24.45 -25.70 17.81
C SER C 224 23.14 -25.71 18.60
N THR C 225 23.26 -25.76 19.91
CA THR C 225 22.12 -25.64 20.82
C THR C 225 21.98 -24.21 21.38
N GLU C 226 23.04 -23.41 21.18
CA GLU C 226 23.21 -22.11 21.80
C GLU C 226 22.74 -21.00 20.84
N MET C 227 23.30 -21.02 19.63
CA MET C 227 23.01 -20.03 18.61
C MET C 227 22.55 -20.62 17.29
N SER C 228 21.95 -19.77 16.47
CA SER C 228 21.55 -20.12 15.12
C SER C 228 21.50 -18.90 14.22
N MET C 229 21.51 -19.15 12.92
CA MET C 229 21.27 -18.09 11.95
C MET C 229 19.84 -17.56 12.15
N ARG C 230 19.72 -16.22 12.20
CA ARG C 230 18.46 -15.53 12.50
C ARG C 230 17.22 -16.14 11.79
N GLY C 231 16.28 -16.66 12.56
CA GLY C 231 15.06 -17.24 12.03
C GLY C 231 15.14 -18.73 11.70
N ILE C 232 16.35 -19.28 11.54
CA ILE C 232 16.51 -20.62 10.99
C ILE C 232 16.78 -21.68 12.06
N ARG C 233 15.99 -22.75 12.03
CA ARG C 233 16.19 -23.91 12.90
C ARG C 233 16.11 -25.21 12.08
N VAL C 234 17.05 -26.12 12.30
CA VAL C 234 16.99 -27.46 11.69
C VAL C 234 16.11 -28.36 12.57
N SER C 235 15.44 -29.30 11.94
CA SER C 235 14.53 -30.23 12.63
C SER C 235 14.63 -31.64 12.02
N LYS C 236 13.89 -32.58 12.62
CA LYS C 236 13.86 -33.98 12.22
C LYS C 236 12.62 -34.45 11.42
N MET C 237 11.56 -33.66 11.38
CA MET C 237 10.34 -33.96 10.60
C MET C 237 9.55 -32.69 10.24
N GLY C 238 9.84 -32.13 9.06
CA GLY C 238 9.12 -30.91 8.59
C GLY C 238 7.75 -31.27 8.08
N THR C 245 -3.71 -32.15 -3.28
CA THR C 245 -3.72 -31.33 -4.49
C THR C 245 -5.05 -30.59 -4.74
N GLU C 246 -4.97 -29.29 -5.03
CA GLU C 246 -6.10 -28.51 -5.53
C GLU C 246 -5.76 -28.02 -6.94
N ARG C 247 -6.46 -28.56 -7.95
CA ARG C 247 -6.22 -28.17 -9.35
C ARG C 247 -6.97 -26.89 -9.75
N VAL C 248 -6.26 -25.97 -10.38
CA VAL C 248 -6.80 -24.67 -10.81
C VAL C 248 -6.36 -24.26 -12.21
N VAL C 249 -7.12 -23.35 -12.81
CA VAL C 249 -6.83 -22.81 -14.13
C VAL C 249 -5.70 -21.83 -13.98
N VAL C 250 -4.74 -21.91 -14.89
CA VAL C 250 -3.55 -21.07 -14.88
C VAL C 250 -3.38 -20.57 -16.31
N SER C 251 -2.45 -19.65 -16.51
CA SER C 251 -2.23 -19.07 -17.84
C SER C 251 -0.81 -19.39 -18.32
N ILE C 252 -0.60 -19.30 -19.63
CA ILE C 252 0.72 -19.53 -20.20
C ILE C 252 0.99 -18.46 -21.25
N ASP C 253 2.26 -18.13 -21.44
CA ASP C 253 2.66 -17.17 -22.48
C ASP C 253 3.64 -17.81 -23.49
N ARG C 254 4.09 -17.00 -24.44
CA ARG C 254 5.13 -17.35 -25.42
C ARG C 254 6.34 -18.10 -24.86
N PHE C 255 6.92 -17.61 -23.77
CA PHE C 255 8.14 -18.24 -23.21
C PHE C 255 7.90 -19.34 -22.15
N LEU C 256 6.70 -19.93 -22.14
CA LEU C 256 6.36 -21.04 -21.26
C LEU C 256 6.41 -20.66 -19.78
N ARG C 257 6.06 -19.42 -19.49
CA ARG C 257 5.94 -18.99 -18.11
C ARG C 257 4.49 -19.19 -17.70
N VAL C 258 4.26 -20.07 -16.73
CA VAL C 258 2.91 -20.38 -16.27
C VAL C 258 2.60 -19.47 -15.10
N ARG C 259 1.48 -18.74 -15.18
CA ARG C 259 1.11 -17.76 -14.16
C ARG C 259 -0.25 -18.01 -13.54
N ASP C 260 -0.37 -17.60 -12.28
CA ASP C 260 -1.64 -17.56 -11.56
C ASP C 260 -2.42 -16.32 -12.03
N GLN C 261 -3.59 -16.06 -11.44
CA GLN C 261 -4.47 -15.00 -11.93
C GLN C 261 -3.92 -13.59 -11.52
N ARG C 262 -3.02 -13.57 -10.53
CA ARG C 262 -2.33 -12.34 -10.11
C ARG C 262 -1.01 -12.08 -10.85
N GLY C 263 -0.60 -12.98 -11.74
CA GLY C 263 0.61 -12.78 -12.51
C GLY C 263 1.89 -13.25 -11.86
N ASN C 264 1.80 -13.96 -10.72
CA ASN C 264 2.98 -14.63 -10.13
C ASN C 264 3.30 -15.81 -11.02
N VAL C 265 4.56 -15.96 -11.42
CA VAL C 265 5.04 -17.09 -12.19
C VAL C 265 5.08 -18.39 -11.34
N LEU C 266 4.19 -19.32 -11.64
CA LEU C 266 4.14 -20.61 -10.97
C LEU C 266 5.24 -21.55 -11.43
N LEU C 267 5.46 -21.58 -12.74
CA LEU C 267 6.42 -22.47 -13.39
C LEU C 267 7.11 -21.82 -14.58
N SER C 268 8.26 -22.38 -14.96
CA SER C 268 8.98 -21.98 -16.18
C SER C 268 10.01 -23.02 -16.60
N PRO C 269 10.50 -22.94 -17.86
CA PRO C 269 11.70 -23.68 -18.27
C PRO C 269 12.81 -23.70 -17.21
N GLU C 270 13.04 -22.55 -16.58
CA GLU C 270 14.09 -22.41 -15.55
C GLU C 270 13.92 -23.29 -14.27
N GLU C 271 12.70 -23.77 -14.01
CA GLU C 271 12.43 -24.65 -12.88
C GLU C 271 12.21 -26.11 -13.29
N VAL C 272 12.61 -26.48 -14.52
CA VAL C 272 12.49 -27.85 -15.00
C VAL C 272 13.86 -28.52 -14.79
N SER C 273 13.83 -29.70 -14.17
CA SER C 273 15.02 -30.46 -13.80
C SER C 273 15.87 -30.81 -15.01
N GLU C 274 17.20 -30.74 -14.84
CA GLU C 274 18.16 -31.07 -15.90
C GLU C 274 18.42 -32.57 -16.05
N THR C 275 17.87 -33.40 -15.16
CA THR C 275 18.08 -34.85 -15.19
C THR C 275 17.64 -35.49 -16.51
N HIS C 276 18.62 -36.02 -17.24
CA HIS C 276 18.35 -36.94 -18.34
C HIS C 276 18.04 -38.29 -17.69
N GLY C 277 17.17 -39.05 -18.33
CA GLY C 277 16.80 -40.38 -17.86
C GLY C 277 16.27 -41.17 -19.03
N THR C 278 16.37 -42.50 -18.97
CA THR C 278 15.95 -43.33 -20.08
C THR C 278 14.52 -43.84 -19.84
N GLU C 279 13.63 -43.35 -20.68
CA GLU C 279 12.21 -43.77 -20.81
C GLU C 279 11.98 -45.27 -20.64
N ARG C 280 10.86 -45.63 -20.03
CA ARG C 280 10.44 -47.05 -19.92
C ARG C 280 9.49 -47.49 -21.05
N LEU C 281 8.63 -46.60 -21.53
CA LEU C 281 7.81 -46.84 -22.73
C LEU C 281 8.34 -46.01 -23.90
N THR C 282 8.37 -46.59 -25.09
CA THR C 282 8.98 -45.92 -26.25
C THR C 282 8.32 -44.57 -26.53
N ILE C 283 9.15 -43.57 -26.80
CA ILE C 283 8.72 -42.20 -27.06
C ILE C 283 9.05 -41.92 -28.53
N THR C 284 8.01 -41.62 -29.31
CA THR C 284 8.18 -41.25 -30.74
C THR C 284 7.77 -39.77 -30.95
N TYR C 285 8.73 -38.96 -31.43
CA TYR C 285 8.55 -37.51 -31.67
C TYR C 285 8.13 -37.24 -33.14
N SER C 286 8.25 -36.00 -33.62
CA SER C 286 8.27 -35.72 -35.06
C SER C 286 9.10 -34.48 -35.32
N ASN D 6 12.53 7.54 45.43
CA ASN D 6 11.84 7.32 46.74
C ASN D 6 10.38 6.79 46.58
N ASP D 7 10.09 5.81 47.41
CA ASP D 7 8.88 5.00 47.31
C ASP D 7 7.59 5.78 47.57
N ASP D 8 7.60 6.67 48.55
CA ASP D 8 6.40 7.47 48.91
C ASP D 8 6.08 8.60 47.94
N ILE D 9 7.11 9.20 47.35
CA ILE D 9 6.93 10.27 46.33
C ILE D 9 6.27 9.70 45.07
N ASP D 10 6.72 8.53 44.66
CA ASP D 10 6.18 7.84 43.49
C ASP D 10 4.69 7.50 43.67
N GLN D 11 4.36 6.86 44.78
CA GLN D 11 2.96 6.56 45.12
C GLN D 11 2.09 7.83 45.11
N SER D 12 2.64 8.91 45.63
CA SER D 12 1.90 10.15 45.78
C SER D 12 1.78 10.93 44.46
N LEU D 13 2.85 10.90 43.65
CA LEU D 13 2.86 11.55 42.32
C LEU D 13 1.82 10.97 41.37
N ILE D 14 1.68 9.64 41.40
CA ILE D 14 0.69 8.92 40.62
C ILE D 14 -0.71 9.36 40.99
N ILE D 15 -1.00 9.38 42.29
CA ILE D 15 -2.28 9.83 42.80
C ILE D 15 -2.61 11.27 42.37
N ALA D 16 -1.62 12.15 42.43
CA ALA D 16 -1.83 13.54 42.04
C ALA D 16 -2.06 13.66 40.51
N ALA D 17 -1.24 12.95 39.72
CA ALA D 17 -1.36 12.99 38.27
C ALA D 17 -2.69 12.44 37.76
N ARG D 18 -3.13 11.34 38.34
CA ARG D 18 -4.42 10.76 37.99
C ARG D 18 -5.58 11.69 38.29
N ASN D 19 -5.53 12.32 39.46
CA ASN D 19 -6.55 13.30 39.80
C ASN D 19 -6.58 14.48 38.82
N ILE D 20 -5.41 14.95 38.41
CA ILE D 20 -5.28 16.10 37.50
C ILE D 20 -5.82 15.79 36.10
N VAL D 21 -5.50 14.61 35.59
CA VAL D 21 -5.95 14.21 34.27
C VAL D 21 -7.46 13.99 34.28
N ARG D 22 -7.97 13.41 35.36
CA ARG D 22 -9.42 13.25 35.49
C ARG D 22 -10.14 14.59 35.54
N ARG D 23 -9.61 15.57 36.27
CA ARG D 23 -10.24 16.89 36.36
C ARG D 23 -10.12 17.68 35.07
N ALA D 24 -8.95 17.59 34.42
CA ALA D 24 -8.69 18.31 33.18
C ALA D 24 -9.55 17.79 32.03
N SER D 25 -9.72 16.47 31.98
CA SER D 25 -10.43 15.82 30.90
C SER D 25 -11.86 16.30 30.72
N VAL D 26 -12.48 16.83 31.78
CA VAL D 26 -13.89 17.28 31.74
C VAL D 26 -13.97 18.75 31.29
N SER D 27 -12.82 19.43 31.22
CA SER D 27 -12.78 20.82 30.83
C SER D 27 -12.80 20.96 29.32
N ALA D 28 -13.20 22.15 28.87
CA ALA D 28 -13.32 22.48 27.43
C ALA D 28 -11.98 22.39 26.70
N ASP D 29 -10.95 22.96 27.31
CA ASP D 29 -9.54 22.81 26.92
C ASP D 29 -8.75 22.05 28.04
N PRO D 30 -8.75 20.71 28.05
CA PRO D 30 -8.04 19.95 29.09
C PRO D 30 -6.54 20.20 29.20
N LEU D 31 -5.85 20.37 28.07
CA LEU D 31 -4.39 20.60 28.10
C LEU D 31 -4.06 21.79 28.98
N ALA D 32 -4.79 22.88 28.77
CA ALA D 32 -4.58 24.11 29.54
C ALA D 32 -4.93 23.93 31.01
N SER D 33 -6.00 23.18 31.31
CA SER D 33 -6.37 22.89 32.69
C SER D 33 -5.27 22.09 33.36
N LEU D 34 -4.76 21.07 32.68
CA LEU D 34 -3.74 20.20 33.26
C LEU D 34 -2.47 20.98 33.50
N LEU D 35 -2.11 21.83 32.55
CA LEU D 35 -0.95 22.66 32.73
C LEU D 35 -1.08 23.64 33.90
N GLU D 36 -2.29 24.11 34.18
CA GLU D 36 -2.54 24.98 35.34
C GLU D 36 -2.31 24.24 36.65
N MET D 37 -2.93 23.07 36.77
CA MET D 37 -2.88 22.29 38.00
C MET D 37 -1.48 21.77 38.29
N CYS D 38 -0.74 21.39 37.26
CA CYS D 38 0.63 20.91 37.46
C CYS D 38 1.55 22.02 38.01
N HIS D 39 1.39 23.23 37.49
N HIS D 39 1.39 23.24 37.51
CA HIS D 39 2.18 24.39 37.92
CA HIS D 39 2.18 24.44 37.95
C HIS D 39 1.77 24.99 39.26
C HIS D 39 1.59 25.23 39.13
N SER D 40 0.54 24.70 39.73
CA SER D 40 0.07 25.15 41.05
C SER D 40 -0.31 23.96 41.98
N THR D 41 0.45 22.86 41.92
CA THR D 41 0.28 21.72 42.82
C THR D 41 1.60 21.36 43.48
N GLN D 42 1.56 21.12 44.78
CA GLN D 42 2.71 20.67 45.53
C GLN D 42 2.44 19.28 46.09
N ILE D 43 3.49 18.47 46.19
CA ILE D 43 3.43 17.13 46.78
C ILE D 43 4.51 17.09 47.87
N GLY D 44 4.08 16.87 49.13
CA GLY D 44 4.97 16.96 50.30
C GLY D 44 5.76 18.26 50.41
N GLY D 45 5.20 19.38 49.97
CA GLY D 45 5.89 20.68 50.01
C GLY D 45 6.69 21.06 48.77
N THR D 46 7.18 20.07 48.02
CA THR D 46 7.83 20.32 46.71
C THR D 46 6.85 20.49 45.54
N ARG D 47 7.22 21.33 44.58
CA ARG D 47 6.39 21.61 43.40
C ARG D 47 6.33 20.39 42.50
N MET D 48 5.16 20.13 41.93
CA MET D 48 4.94 18.95 41.10
C MET D 48 5.73 18.97 39.81
N VAL D 49 5.96 20.13 39.22
CA VAL D 49 6.77 20.22 38.00
C VAL D 49 8.22 19.86 38.29
N ASP D 50 8.70 20.21 39.47
CA ASP D 50 10.05 19.82 39.88
C ASP D 50 10.17 18.32 40.12
N ILE D 51 9.11 17.69 40.61
CA ILE D 51 9.09 16.23 40.76
C ILE D 51 9.05 15.55 39.40
N LEU D 52 8.29 16.12 38.45
CA LEU D 52 8.15 15.54 37.11
C LEU D 52 9.46 15.57 36.35
N ARG D 53 10.18 16.69 36.45
CA ARG D 53 11.51 16.83 35.85
C ARG D 53 12.55 15.81 36.36
N GLN D 54 12.48 15.39 37.63
CA GLN D 54 13.48 14.47 38.22
C GLN D 54 13.05 13.00 38.38
N ASN D 55 11.76 12.75 38.62
CA ASN D 55 11.25 11.41 38.97
C ASN D 55 11.12 10.50 37.75
N PRO D 56 11.69 9.28 37.80
CA PRO D 56 11.65 8.38 36.63
C PRO D 56 10.42 7.46 36.47
N THR D 57 9.40 7.60 37.33
CA THR D 57 8.18 6.75 37.23
C THR D 57 7.51 6.82 35.86
N GLU D 58 7.26 5.67 35.24
CA GLU D 58 6.47 5.60 34.00
C GLU D 58 5.09 5.05 34.37
N GLU D 59 4.11 5.94 34.42
CA GLU D 59 2.72 5.59 34.66
C GLU D 59 1.88 6.45 33.69
N GLN D 60 0.66 5.99 33.38
CA GLN D 60 -0.13 6.62 32.30
C GLN D 60 -0.50 8.10 32.57
N ALA D 61 -0.99 8.39 33.77
CA ALA D 61 -1.33 9.78 34.15
C ALA D 61 -0.09 10.61 34.29
N VAL D 62 0.92 10.04 34.94
CA VAL D 62 2.18 10.76 35.12
C VAL D 62 2.82 11.12 33.80
N ASP D 63 2.89 10.14 32.89
CA ASP D 63 3.52 10.39 31.58
C ASP D 63 2.75 11.38 30.67
N ILE D 64 1.42 11.44 30.80
CA ILE D 64 0.62 12.50 30.19
C ILE D 64 1.06 13.90 30.65
N CYS D 65 1.27 14.05 31.96
CA CYS D 65 1.74 15.32 32.51
C CYS D 65 3.15 15.66 32.05
N LYS D 66 4.04 14.67 31.98
CA LYS D 66 5.41 14.88 31.52
C LYS D 66 5.42 15.39 30.07
N ALA D 67 4.67 14.71 29.22
CA ALA D 67 4.46 15.10 27.82
C ALA D 67 3.96 16.53 27.67
N ALA D 68 3.00 16.90 28.53
CA ALA D 68 2.41 18.24 28.58
C ALA D 68 3.44 19.35 28.71
N MET D 69 4.55 19.07 29.40
CA MET D 69 5.62 20.04 29.56
C MET D 69 6.91 19.65 28.81
N GLY D 70 6.74 18.84 27.76
CA GLY D 70 7.81 18.49 26.84
C GLY D 70 8.89 17.56 27.34
N LEU D 71 8.60 16.85 28.40
CA LEU D 71 9.58 15.91 28.96
C LEU D 71 9.55 14.63 28.15
N ARG D 72 10.69 13.96 28.03
CA ARG D 72 10.72 12.65 27.34
C ARG D 72 10.04 11.59 28.18
N ILE D 73 9.35 10.66 27.51
CA ILE D 73 8.69 9.53 28.17
C ILE D 73 8.95 8.21 27.46
N SER D 74 8.62 7.12 28.14
CA SER D 74 8.68 5.77 27.57
C SER D 74 7.95 5.74 26.23
N SER D 75 8.53 5.02 25.26
CA SER D 75 7.95 4.89 23.91
C SER D 75 6.84 3.86 23.81
N SER D 76 6.64 3.05 24.86
CA SER D 76 5.49 2.17 24.92
C SER D 76 4.13 2.90 24.84
N PHE D 77 3.09 2.12 24.63
CA PHE D 77 1.72 2.65 24.61
C PHE D 77 0.80 1.77 25.45
N SER D 78 -0.35 2.33 25.78
CA SER D 78 -1.26 1.66 26.70
C SER D 78 -2.58 1.38 26.00
N PHE D 79 -2.96 0.10 25.97
CA PHE D 79 -4.27 -0.29 25.47
C PHE D 79 -4.87 -1.30 26.43
N GLY D 80 -6.10 -1.04 26.88
CA GLY D 80 -6.83 -1.93 27.79
C GLY D 80 -6.20 -2.07 29.17
N GLY D 81 -5.52 -1.01 29.61
CA GLY D 81 -4.69 -1.09 30.79
C GLY D 81 -3.31 -1.68 30.64
N PHE D 82 -3.01 -2.39 29.55
CA PHE D 82 -1.74 -3.08 29.38
C PHE D 82 -0.72 -2.18 28.72
N THR D 83 0.53 -2.27 29.16
CA THR D 83 1.64 -1.64 28.47
C THR D 83 2.10 -2.54 27.32
N PHE D 84 2.14 -1.97 26.09
CA PHE D 84 2.65 -2.65 24.89
C PHE D 84 4.04 -2.11 24.52
N LYS D 85 5.04 -2.98 24.39
CA LYS D 85 6.29 -2.58 23.72
C LYS D 85 6.46 -3.42 22.50
N ARG D 86 6.70 -2.75 21.37
CA ARG D 86 7.09 -3.42 20.17
C ARG D 86 8.51 -3.94 20.30
N THR D 87 8.64 -5.27 20.20
CA THR D 87 9.91 -5.95 20.24
C THR D 87 10.47 -6.20 18.84
N SER D 88 9.64 -6.09 17.81
CA SER D 88 10.07 -6.38 16.42
C SER D 88 9.10 -5.83 15.35
N GLY D 89 9.60 -5.73 14.13
CA GLY D 89 8.76 -5.46 12.98
C GLY D 89 8.29 -4.03 12.92
N SER D 90 7.32 -3.79 12.06
CA SER D 90 6.84 -2.45 11.78
C SER D 90 5.49 -2.54 11.09
N SER D 91 4.86 -1.38 10.86
CA SER D 91 3.61 -1.31 10.08
C SER D 91 3.36 0.05 9.43
N ILE D 92 2.43 0.13 8.50
CA ILE D 92 1.92 1.42 8.06
C ILE D 92 0.42 1.49 8.33
N LYS D 93 -0.15 2.68 8.13
CA LYS D 93 -1.51 3.00 8.58
C LYS D 93 -2.39 3.41 7.43
N ARG D 94 -3.58 2.88 7.45
CA ARG D 94 -4.51 3.05 6.38
C ARG D 94 -5.84 3.09 7.07
N GLU D 95 -6.59 4.15 6.83
CA GLU D 95 -7.94 4.24 7.34
C GLU D 95 -8.91 3.44 6.42
N GLU D 96 -9.80 2.66 7.03
CA GLU D 96 -10.77 1.79 6.31
C GLU D 96 -12.11 1.81 7.00
N GLU D 97 -13.20 1.66 6.28
CA GLU D 97 -14.52 1.64 6.92
C GLU D 97 -14.78 0.20 7.17
N VAL D 98 -15.11 -0.20 8.38
CA VAL D 98 -15.60 -1.58 8.62
C VAL D 98 -17.07 -1.57 9.07
N LEU D 99 -17.68 -2.76 9.07
CA LEU D 99 -19.09 -2.98 9.37
C LEU D 99 -19.20 -4.00 10.51
N THR D 100 -19.86 -3.63 11.61
CA THR D 100 -20.03 -4.52 12.77
C THR D 100 -21.08 -5.57 12.47
N GLY D 101 -21.24 -6.53 13.38
CA GLY D 101 -22.38 -7.45 13.32
C GLY D 101 -23.74 -6.75 13.39
N ASN D 102 -23.81 -5.52 13.93
CA ASN D 102 -25.03 -4.73 13.87
C ASN D 102 -25.00 -3.62 12.82
N LEU D 103 -24.24 -3.87 11.75
CA LEU D 103 -24.25 -3.07 10.55
C LEU D 103 -23.90 -1.61 10.79
N GLN D 104 -23.07 -1.37 11.80
CA GLN D 104 -22.60 -0.01 12.12
C GLN D 104 -21.24 0.18 11.49
N THR D 105 -21.09 1.25 10.72
CA THR D 105 -19.80 1.59 10.19
C THR D 105 -18.79 2.01 11.26
N LEU D 106 -17.54 1.63 11.11
CA LEU D 106 -16.47 2.16 11.96
C LEU D 106 -15.32 2.49 11.06
N LYS D 107 -14.76 3.67 11.22
CA LYS D 107 -13.56 4.09 10.51
C LYS D 107 -12.40 3.77 11.41
N ILE D 108 -11.49 2.94 10.93
CA ILE D 108 -10.40 2.37 11.74
C ILE D 108 -9.07 2.62 11.05
N ARG D 109 -8.06 2.99 11.81
CA ARG D 109 -6.71 3.08 11.28
C ARG D 109 -6.10 1.69 11.38
N VAL D 110 -6.20 0.95 10.28
CA VAL D 110 -5.69 -0.43 10.18
C VAL D 110 -4.16 -0.43 10.00
N HIS D 111 -3.49 -1.25 10.78
CA HIS D 111 -2.04 -1.38 10.68
C HIS D 111 -1.69 -2.53 9.75
N GLU D 112 -0.80 -2.25 8.81
CA GLU D 112 -0.38 -3.20 7.82
C GLU D 112 1.09 -3.48 8.02
N GLY D 113 1.38 -4.71 8.42
CA GLY D 113 2.74 -5.16 8.60
C GLY D 113 2.79 -6.38 9.49
N TYR D 114 4.01 -6.81 9.81
CA TYR D 114 4.22 -7.89 10.76
C TYR D 114 4.95 -7.26 11.92
N GLU D 115 4.37 -7.38 13.11
CA GLU D 115 4.90 -6.81 14.36
C GLU D 115 4.80 -7.84 15.53
N GLU D 116 5.73 -7.74 16.47
CA GLU D 116 5.75 -8.58 17.68
C GLU D 116 5.86 -7.65 18.90
N PHE D 117 4.98 -7.85 19.88
CA PHE D 117 4.92 -7.05 21.09
C PHE D 117 4.95 -7.95 22.34
N THR D 118 5.34 -7.34 23.45
CA THR D 118 5.05 -7.85 24.80
C THR D 118 3.96 -6.98 25.42
N MET D 119 2.95 -7.62 26.00
CA MET D 119 1.93 -6.95 26.80
C MET D 119 2.26 -7.17 28.28
N VAL D 120 2.17 -6.12 29.07
CA VAL D 120 2.39 -6.21 30.52
C VAL D 120 1.29 -5.49 31.25
N GLY D 121 0.42 -6.24 31.91
CA GLY D 121 -0.57 -5.71 32.86
C GLY D 121 -0.12 -6.04 34.26
N LYS D 122 -0.88 -5.65 35.28
CA LYS D 122 -0.51 -5.95 36.66
C LYS D 122 -0.80 -7.39 37.08
N ARG D 123 -1.77 -8.01 36.43
CA ARG D 123 -2.14 -9.39 36.77
C ARG D 123 -1.97 -10.39 35.62
N ALA D 124 -1.44 -9.95 34.47
CA ALA D 124 -1.22 -10.82 33.30
C ALA D 124 -0.18 -10.21 32.37
N THR D 125 0.66 -11.05 31.76
CA THR D 125 1.57 -10.61 30.70
C THR D 125 1.50 -11.54 29.50
N ALA D 126 2.02 -11.09 28.35
CA ALA D 126 1.84 -11.80 27.08
C ALA D 126 2.87 -11.43 26.04
N ILE D 127 3.08 -12.34 25.11
CA ILE D 127 3.79 -12.07 23.86
C ILE D 127 2.73 -12.14 22.77
N LEU D 128 2.61 -11.04 22.01
CA LEU D 128 1.69 -10.95 20.88
C LEU D 128 2.47 -10.83 19.57
N ARG D 129 2.13 -11.69 18.61
CA ARG D 129 2.61 -11.59 17.22
C ARG D 129 1.39 -11.40 16.33
N LYS D 130 1.50 -10.49 15.36
CA LYS D 130 0.35 -10.16 14.54
C LYS D 130 0.73 -9.61 13.19
N ALA D 131 -0.19 -9.81 12.26
CA ALA D 131 -0.09 -9.27 10.92
C ALA D 131 -1.30 -8.39 10.64
N THR D 132 -1.35 -7.80 9.45
CA THR D 132 -2.51 -7.01 9.02
C THR D 132 -3.82 -7.72 9.31
N ARG D 133 -4.63 -7.13 10.19
CA ARG D 133 -5.92 -7.69 10.60
C ARG D 133 -5.86 -9.18 10.94
N ARG D 134 -4.76 -9.60 11.58
CA ARG D 134 -4.59 -11.01 11.93
C ARG D 134 -3.79 -11.22 13.21
N LEU D 135 -4.36 -12.01 14.12
CA LEU D 135 -3.60 -12.53 15.25
C LEU D 135 -2.82 -13.74 14.74
N VAL D 136 -1.51 -13.69 14.87
CA VAL D 136 -0.67 -14.82 14.46
C VAL D 136 -0.48 -15.74 15.65
N GLN D 137 0.06 -15.19 16.75
CA GLN D 137 0.13 -15.91 18.03
C GLN D 137 0.07 -15.03 19.27
N LEU D 138 -0.59 -15.54 20.31
CA LEU D 138 -0.62 -14.92 21.64
C LEU D 138 -0.23 -15.96 22.72
N ILE D 139 0.94 -15.79 23.33
CA ILE D 139 1.35 -16.57 24.49
C ILE D 139 1.03 -15.72 25.72
N VAL D 140 0.09 -16.15 26.56
CA VAL D 140 -0.31 -15.36 27.74
C VAL D 140 -0.15 -16.08 29.10
N SER D 141 0.38 -15.37 30.10
CA SER D 141 0.41 -15.79 31.53
C SER D 141 -0.55 -14.92 32.36
N GLY D 142 -0.92 -15.40 33.54
CA GLY D 142 -1.75 -14.60 34.44
C GLY D 142 -1.91 -15.14 35.84
N ARG D 143 -2.64 -14.41 36.68
CA ARG D 143 -2.95 -14.88 38.03
C ARG D 143 -4.06 -15.92 38.01
N ASP D 144 -5.05 -15.72 37.16
CA ASP D 144 -6.27 -16.53 37.20
C ASP D 144 -7.08 -16.43 35.90
N GLU D 145 -8.22 -17.13 35.87
CA GLU D 145 -9.15 -17.11 34.74
C GLU D 145 -9.55 -15.69 34.33
N GLN D 146 -9.91 -14.88 35.32
CA GLN D 146 -10.28 -13.47 35.14
C GLN D 146 -9.15 -12.72 34.41
N SER D 147 -7.96 -12.73 35.00
CA SER D 147 -6.84 -11.93 34.49
C SER D 147 -6.31 -12.34 33.12
N ILE D 148 -6.36 -13.63 32.82
CA ILE D 148 -5.93 -14.17 31.52
C ILE D 148 -6.92 -13.77 30.42
N ALA D 149 -8.21 -13.93 30.66
CA ALA D 149 -9.25 -13.55 29.71
C ALA D 149 -9.21 -12.06 29.34
N GLU D 150 -8.93 -11.21 30.33
CA GLU D 150 -8.75 -9.77 30.12
C GLU D 150 -7.67 -9.50 29.06
N ALA D 151 -6.54 -10.19 29.18
CA ALA D 151 -5.43 -10.05 28.22
C ALA D 151 -5.77 -10.56 26.82
N ILE D 152 -6.55 -11.64 26.75
CA ILE D 152 -6.99 -12.22 25.47
C ILE D 152 -7.94 -11.26 24.74
N ILE D 153 -8.88 -10.65 25.47
CA ILE D 153 -9.83 -9.69 24.87
C ILE D 153 -9.10 -8.47 24.30
N VAL D 154 -8.12 -7.95 25.03
CA VAL D 154 -7.31 -6.84 24.53
C VAL D 154 -6.52 -7.24 23.27
N ALA D 155 -5.91 -8.42 23.25
CA ALA D 155 -5.18 -8.89 22.06
C ALA D 155 -6.08 -9.09 20.83
N MET D 156 -7.27 -9.63 21.06
CA MET D 156 -8.24 -9.85 19.99
C MET D 156 -8.74 -8.54 19.34
N VAL D 157 -8.99 -7.54 20.15
CA VAL D 157 -9.44 -6.25 19.66
C VAL D 157 -8.28 -5.58 18.91
N PHE D 158 -7.11 -5.59 19.55
CA PHE D 158 -5.90 -5.04 18.96
C PHE D 158 -5.54 -5.66 17.61
N SER D 159 -5.82 -6.94 17.43
CA SER D 159 -5.52 -7.62 16.17
C SER D 159 -6.31 -7.11 14.96
N GLN D 160 -7.45 -6.49 15.21
CA GLN D 160 -8.31 -5.89 14.18
C GLN D 160 -8.98 -6.93 13.25
N GLU D 161 -9.10 -8.18 13.71
CA GLU D 161 -9.67 -9.24 12.88
C GLU D 161 -11.13 -9.02 12.58
N ASP D 162 -11.57 -9.54 11.44
CA ASP D 162 -12.94 -9.36 11.01
C ASP D 162 -13.90 -10.13 11.91
N CYS D 163 -13.46 -11.27 12.45
CA CYS D 163 -14.33 -12.07 13.31
C CYS D 163 -14.63 -11.34 14.60
N MET D 164 -13.66 -10.56 15.07
CA MET D 164 -13.85 -9.71 16.24
C MET D 164 -14.87 -8.59 15.91
N ILE D 165 -14.71 -7.94 14.75
CA ILE D 165 -15.64 -6.89 14.30
C ILE D 165 -17.09 -7.43 14.10
N LYS D 166 -17.17 -8.61 13.50
CA LYS D 166 -18.44 -9.29 13.23
C LYS D 166 -19.19 -9.77 14.48
N ALA D 167 -18.45 -10.11 15.53
CA ALA D 167 -19.04 -10.54 16.82
C ALA D 167 -19.66 -9.42 17.69
N VAL D 168 -19.61 -8.18 17.21
CA VAL D 168 -20.25 -7.06 17.85
C VAL D 168 -21.78 -7.21 17.77
N ARG D 169 -22.46 -6.95 18.89
CA ARG D 169 -23.91 -7.02 18.98
C ARG D 169 -24.48 -5.66 19.37
N GLY D 170 -25.42 -5.15 18.60
CA GLY D 170 -26.02 -3.85 18.86
C GLY D 170 -25.04 -2.70 18.69
N ASP D 171 -25.51 -1.51 19.00
CA ASP D 171 -24.74 -0.32 18.73
C ASP D 171 -23.66 -0.03 19.76
N LEU D 172 -22.65 0.71 19.32
CA LEU D 172 -21.56 1.20 20.14
C LEU D 172 -21.66 2.74 20.21
N ASN D 173 -22.13 3.26 21.36
CA ASN D 173 -22.10 4.71 21.66
C ASN D 173 -21.58 4.90 23.08
N PHE D 174 -20.45 4.26 23.42
CA PHE D 174 -19.76 4.51 24.70
C PHE D 174 -19.19 5.93 24.72
N VAL D 175 -19.25 6.58 25.89
CA VAL D 175 -18.77 7.96 26.09
C VAL D 175 -17.76 8.04 27.19
N ASN D 176 -16.91 9.06 27.12
CA ASN D 176 -16.03 9.42 28.24
C ASN D 176 -16.82 10.29 29.24
N ARG D 177 -16.19 10.62 30.38
CA ARG D 177 -16.72 11.54 31.41
C ARG D 177 -17.16 12.95 30.92
N ALA D 178 -16.62 13.38 29.78
CA ALA D 178 -16.91 14.66 29.17
C ALA D 178 -18.04 14.63 28.12
N ASN D 179 -18.80 13.52 28.08
CA ASN D 179 -19.90 13.34 27.10
C ASN D 179 -19.47 13.29 25.62
N GLN D 180 -18.21 12.96 25.35
CA GLN D 180 -17.65 12.85 24.00
C GLN D 180 -17.55 11.36 23.64
N ARG D 181 -17.80 10.99 22.39
CA ARG D 181 -17.77 9.57 22.01
C ARG D 181 -16.34 9.04 22.09
N LEU D 182 -16.18 7.82 22.60
CA LEU D 182 -14.90 7.12 22.50
C LEU D 182 -14.62 6.80 21.04
N ASN D 183 -13.36 6.85 20.64
CA ASN D 183 -12.94 6.47 19.28
C ASN D 183 -13.02 4.93 19.08
N PRO D 184 -13.19 4.48 17.81
CA PRO D 184 -13.59 3.11 17.44
C PRO D 184 -12.91 1.93 18.12
N MET D 185 -11.59 1.97 18.28
CA MET D 185 -10.87 0.84 18.89
C MET D 185 -11.29 0.68 20.35
N HIS D 186 -11.43 1.79 21.08
CA HIS D 186 -11.94 1.76 22.46
C HIS D 186 -13.42 1.41 22.59
N GLN D 187 -14.22 1.82 21.60
CA GLN D 187 -15.62 1.41 21.50
C GLN D 187 -15.72 -0.11 21.49
N LEU D 188 -14.93 -0.72 20.60
CA LEU D 188 -14.86 -2.16 20.51
C LEU D 188 -14.42 -2.78 21.83
N LEU D 189 -13.39 -2.21 22.45
CA LEU D 189 -12.81 -2.79 23.65
C LEU D 189 -13.78 -2.82 24.85
N ARG D 190 -14.49 -1.72 25.09
CA ARG D 190 -15.50 -1.68 26.17
C ARG D 190 -16.66 -2.62 25.91
N HIS D 191 -17.04 -2.75 24.66
CA HIS D 191 -18.07 -3.70 24.32
C HIS D 191 -17.68 -5.12 24.74
N PHE D 192 -16.57 -5.61 24.22
CA PHE D 192 -16.11 -6.97 24.51
C PHE D 192 -15.64 -7.14 25.97
N GLN D 193 -15.31 -6.04 26.65
CA GLN D 193 -15.06 -6.06 28.12
C GLN D 193 -16.36 -6.24 28.93
N LYS D 194 -17.49 -5.72 28.45
CA LYS D 194 -18.78 -6.04 29.06
C LYS D 194 -19.15 -7.49 28.86
N ASP D 195 -18.84 -8.06 27.71
CA ASP D 195 -19.14 -9.48 27.40
C ASP D 195 -18.34 -10.02 26.23
N ALA D 196 -17.50 -11.02 26.49
CA ALA D 196 -16.62 -11.57 25.47
C ALA D 196 -17.07 -12.96 24.98
N LYS D 197 -18.36 -13.26 25.09
CA LYS D 197 -18.85 -14.63 24.85
C LYS D 197 -18.99 -14.87 23.35
N VAL D 198 -19.75 -13.98 22.71
CA VAL D 198 -19.91 -13.98 21.27
C VAL D 198 -18.52 -13.90 20.61
N LEU D 199 -17.66 -13.06 21.16
CA LEU D 199 -16.28 -12.93 20.66
C LEU D 199 -15.52 -14.24 20.65
N PHE D 200 -15.51 -14.92 21.79
CA PHE D 200 -14.74 -16.15 21.97
C PHE D 200 -15.36 -17.31 21.21
N GLN D 201 -16.70 -17.39 21.22
CA GLN D 201 -17.40 -18.41 20.46
C GLN D 201 -17.03 -18.26 18.98
N ASN D 202 -17.21 -17.05 18.46
CA ASN D 202 -17.01 -16.82 17.03
C ASN D 202 -15.54 -16.75 16.55
N TRP D 203 -14.55 -16.70 17.45
CA TRP D 203 -13.13 -16.51 17.06
C TRP D 203 -12.56 -17.65 16.24
N GLY D 204 -12.76 -18.88 16.73
CA GLY D 204 -12.27 -20.08 16.08
C GLY D 204 -11.34 -20.93 16.92
N ILE D 205 -11.35 -22.23 16.64
CA ILE D 205 -10.79 -23.26 17.50
C ILE D 205 -9.81 -24.08 16.66
N GLU D 206 -8.80 -24.67 17.29
CA GLU D 206 -7.81 -25.45 16.54
C GLU D 206 -7.06 -26.51 17.39
N HIS D 207 -6.58 -27.57 16.74
CA HIS D 207 -5.82 -28.66 17.38
C HIS D 207 -4.42 -28.17 17.72
N ILE D 208 -3.88 -28.67 18.83
CA ILE D 208 -2.54 -28.29 19.26
C ILE D 208 -1.73 -29.50 19.72
N ASP D 209 -0.41 -29.39 19.60
CA ASP D 209 0.55 -30.34 20.16
C ASP D 209 1.06 -29.74 21.47
N ASN D 210 1.17 -30.54 22.53
CA ASN D 210 1.65 -30.04 23.82
C ASN D 210 3.15 -29.74 23.82
N VAL D 211 3.50 -28.49 23.51
CA VAL D 211 4.81 -27.94 23.83
C VAL D 211 4.75 -27.71 25.34
N MET D 212 5.71 -28.32 26.05
CA MET D 212 5.73 -28.31 27.52
C MET D 212 5.99 -26.89 28.04
N GLY D 213 5.24 -26.54 29.09
CA GLY D 213 5.10 -25.16 29.53
C GLY D 213 3.74 -24.58 29.17
N MET D 214 3.24 -24.95 27.97
CA MET D 214 2.09 -24.29 27.33
C MET D 214 0.87 -25.20 27.20
N VAL D 215 -0.31 -24.60 27.17
CA VAL D 215 -1.61 -25.29 27.23
C VAL D 215 -2.65 -24.54 26.37
N GLY D 216 -3.72 -25.21 26.00
CA GLY D 216 -4.79 -24.60 25.27
C GLY D 216 -5.83 -23.96 26.17
N VAL D 217 -6.67 -23.13 25.58
CA VAL D 217 -7.80 -22.54 26.29
C VAL D 217 -8.98 -22.39 25.35
N LEU D 218 -10.15 -22.86 25.82
CA LEU D 218 -11.36 -22.91 25.01
C LEU D 218 -12.19 -21.63 25.21
N PRO D 219 -13.22 -21.39 24.36
CA PRO D 219 -14.08 -20.22 24.52
C PRO D 219 -14.80 -20.05 25.87
N ASP D 220 -14.97 -21.12 26.64
CA ASP D 220 -15.46 -21.01 28.03
C ASP D 220 -14.34 -20.85 29.08
N MET D 221 -13.10 -20.63 28.63
CA MET D 221 -11.89 -20.50 29.49
C MET D 221 -11.38 -21.80 30.13
N THR D 222 -11.92 -22.94 29.71
CA THR D 222 -11.50 -24.24 30.20
C THR D 222 -10.17 -24.61 29.55
N PRO D 223 -9.15 -24.97 30.35
CA PRO D 223 -7.91 -25.44 29.71
C PRO D 223 -8.08 -26.73 28.91
N SER D 224 -7.11 -27.02 28.04
CA SER D 224 -7.09 -28.27 27.29
C SER D 224 -5.69 -28.53 26.75
N THR D 225 -5.40 -29.79 26.52
CA THR D 225 -4.15 -30.22 25.87
C THR D 225 -4.39 -30.54 24.38
N GLU D 226 -5.65 -30.63 24.00
CA GLU D 226 -6.10 -31.14 22.71
C GLU D 226 -6.36 -29.95 21.76
N MET D 227 -7.21 -29.05 22.20
CA MET D 227 -7.59 -27.87 21.41
C MET D 227 -7.36 -26.54 22.12
N SER D 228 -7.36 -25.48 21.32
CA SER D 228 -7.27 -24.12 21.82
C SER D 228 -7.93 -23.14 20.87
N MET D 229 -8.25 -21.97 21.39
CA MET D 229 -8.69 -20.86 20.54
C MET D 229 -7.56 -20.48 19.58
N ARG D 230 -7.90 -20.33 18.30
CA ARG D 230 -6.93 -20.08 17.21
C ARG D 230 -5.85 -19.04 17.58
N GLY D 231 -4.60 -19.48 17.60
CA GLY D 231 -3.46 -18.62 17.91
C GLY D 231 -3.12 -18.50 19.37
N ILE D 232 -4.04 -18.85 20.28
CA ILE D 232 -3.87 -18.55 21.69
C ILE D 232 -3.41 -19.74 22.52
N ARG D 233 -2.33 -19.56 23.27
CA ARG D 233 -1.84 -20.57 24.23
C ARG D 233 -1.57 -19.90 25.58
N VAL D 234 -2.02 -20.53 26.67
CA VAL D 234 -1.69 -20.09 28.02
C VAL D 234 -0.33 -20.68 28.40
N SER D 235 0.42 -19.96 29.23
CA SER D 235 1.74 -20.39 29.69
C SER D 235 1.96 -20.02 31.15
N LYS D 236 3.11 -20.42 31.68
CA LYS D 236 3.48 -20.27 33.10
C LYS D 236 4.50 -19.16 33.38
N MET D 237 5.20 -18.61 32.38
CA MET D 237 6.15 -17.50 32.57
C MET D 237 6.39 -16.70 31.28
N GLY D 238 5.58 -15.66 31.05
CA GLY D 238 5.76 -14.80 29.86
C GLY D 238 6.93 -13.87 30.00
N SER D 244 13.35 -2.87 29.11
CA SER D 244 13.73 -1.70 29.87
C SER D 244 13.72 -0.40 29.01
N THR D 245 13.63 0.73 29.71
CA THR D 245 13.02 1.97 29.18
C THR D 245 13.91 2.76 28.21
N GLU D 246 13.31 3.14 27.08
CA GLU D 246 13.91 4.10 26.14
C GLU D 246 13.01 5.34 26.10
N ARG D 247 13.50 6.46 26.63
CA ARG D 247 12.73 7.72 26.65
C ARG D 247 12.82 8.50 25.34
N VAL D 248 11.68 8.94 24.82
CA VAL D 248 11.57 9.67 23.56
C VAL D 248 10.61 10.87 23.62
N VAL D 249 10.78 11.80 22.70
CA VAL D 249 9.95 12.98 22.60
C VAL D 249 8.64 12.55 21.97
N VAL D 250 7.54 13.02 22.54
CA VAL D 250 6.20 12.70 22.11
C VAL D 250 5.43 14.00 22.03
N SER D 251 4.23 13.95 21.47
CA SER D 251 3.43 15.18 21.31
C SER D 251 2.15 15.08 22.14
N ILE D 252 1.53 16.23 22.42
CA ILE D 252 0.27 16.25 23.14
C ILE D 252 -0.67 17.25 22.47
N ASP D 253 -1.98 17.01 22.56
CA ASP D 253 -2.98 17.94 22.02
C ASP D 253 -3.93 18.43 23.13
N ARG D 254 -4.90 19.25 22.72
CA ARG D 254 -5.98 19.74 23.57
C ARG D 254 -6.64 18.69 24.49
N PHE D 255 -6.99 17.54 23.96
CA PHE D 255 -7.68 16.51 24.77
C PHE D 255 -6.77 15.47 25.45
N LEU D 256 -5.49 15.83 25.66
CA LEU D 256 -4.53 15.01 26.39
C LEU D 256 -4.28 13.66 25.71
N ARG D 257 -4.30 13.65 24.40
CA ARG D 257 -3.93 12.47 23.65
C ARG D 257 -2.44 12.61 23.33
N VAL D 258 -1.65 11.69 23.86
CA VAL D 258 -0.19 11.71 23.65
C VAL D 258 0.11 10.85 22.44
N ARG D 259 0.82 11.41 21.47
CA ARG D 259 1.11 10.72 20.22
C ARG D 259 2.60 10.60 19.93
N ASP D 260 2.94 9.53 19.21
CA ASP D 260 4.28 9.33 18.64
C ASP D 260 4.39 10.18 17.38
N GLN D 261 5.52 10.09 16.67
CA GLN D 261 5.76 11.00 15.53
C GLN D 261 4.94 10.56 14.30
N ARG D 262 4.44 9.32 14.32
CA ARG D 262 3.54 8.79 13.27
C ARG D 262 2.05 9.03 13.57
N GLY D 263 1.72 9.61 14.71
CA GLY D 263 0.33 9.91 15.03
C GLY D 263 -0.44 8.80 15.71
N ASN D 264 0.23 7.72 16.10
CA ASN D 264 -0.41 6.67 16.92
C ASN D 264 -0.56 7.25 18.32
N VAL D 265 -1.75 7.14 18.92
CA VAL D 265 -2.01 7.55 20.29
C VAL D 265 -1.33 6.60 21.30
N LEU D 266 -0.31 7.09 21.98
CA LEU D 266 0.41 6.33 23.01
C LEU D 266 -0.38 6.25 24.30
N LEU D 267 -0.95 7.38 24.71
CA LEU D 267 -1.68 7.52 25.97
C LEU D 267 -2.87 8.44 25.83
N SER D 268 -3.83 8.32 26.77
CA SER D 268 -4.97 9.23 26.88
C SER D 268 -5.65 9.13 28.23
N PRO D 269 -6.50 10.12 28.59
CA PRO D 269 -7.42 9.97 29.72
C PRO D 269 -8.08 8.59 29.82
N GLU D 270 -8.50 8.05 28.67
CA GLU D 270 -9.15 6.73 28.60
C GLU D 270 -8.29 5.51 29.05
N GLU D 271 -6.97 5.67 29.11
CA GLU D 271 -6.07 4.63 29.59
C GLU D 271 -5.50 4.92 30.98
N VAL D 272 -6.10 5.83 31.71
CA VAL D 272 -5.69 6.16 33.08
C VAL D 272 -6.58 5.38 34.04
N SER D 273 -5.95 4.70 34.97
CA SER D 273 -6.62 3.80 35.93
C SER D 273 -7.63 4.55 36.79
N GLU D 274 -8.77 3.91 37.06
CA GLU D 274 -9.84 4.51 37.89
C GLU D 274 -9.58 4.40 39.40
N THR D 275 -8.53 3.69 39.81
CA THR D 275 -8.19 3.49 41.21
C THR D 275 -7.97 4.82 41.97
N HIS D 276 -8.87 5.10 42.91
CA HIS D 276 -8.65 6.13 43.92
C HIS D 276 -7.70 5.50 44.94
N GLY D 277 -6.84 6.32 45.52
CA GLY D 277 -5.93 5.88 46.57
C GLY D 277 -5.58 7.06 47.45
N THR D 278 -5.19 6.78 48.68
CA THR D 278 -4.86 7.86 49.60
C THR D 278 -3.34 8.09 49.61
N GLU D 279 -2.97 9.25 49.10
CA GLU D 279 -1.59 9.81 49.11
C GLU D 279 -0.81 9.56 50.39
N ARG D 280 0.50 9.34 50.25
CA ARG D 280 1.40 9.21 51.41
C ARG D 280 2.08 10.54 51.81
N LEU D 281 2.39 11.40 50.84
CA LEU D 281 2.84 12.78 51.11
C LEU D 281 1.72 13.77 50.76
N THR D 282 1.50 14.78 51.60
CA THR D 282 0.36 15.68 51.43
C THR D 282 0.39 16.35 50.05
N ILE D 283 -0.79 16.39 49.41
CA ILE D 283 -0.96 16.96 48.09
C ILE D 283 -1.81 18.22 48.24
N THR D 284 -1.25 19.37 47.86
CA THR D 284 -1.97 20.64 47.88
C THR D 284 -2.19 21.16 46.45
N TYR D 285 -3.47 21.34 46.07
CA TYR D 285 -3.90 21.81 44.73
C TYR D 285 -4.06 23.35 44.68
N SER D 286 -4.80 23.86 43.69
CA SER D 286 -4.60 25.23 43.13
C SER D 286 -4.40 26.39 44.14
N SER D 287 -3.22 26.42 44.76
CA SER D 287 -2.80 27.50 45.66
C SER D 287 -1.39 28.04 45.23
N SER D 288 -0.73 28.83 46.09
CA SER D 288 0.54 29.48 45.71
C SER D 288 1.74 28.62 46.09
#